data_2L09
#
_entry.id   2L09
#
_entity_poly.entity_id   1
_entity_poly.type   'polypeptide(L)'
_entity_poly.pdbx_seq_one_letter_code
;MNLRWTSEAKTKLKNIPFFARSQAKARIEQLARQAEQDIVTPELVEQARLEFGQLEHHHHHH
;
_entity_poly.pdbx_strand_id   A
#
# COMPACT_ATOMS: atom_id res chain seq x y z
N MET A 1 -3.21 14.73 -7.19
CA MET A 1 -3.99 13.47 -7.33
C MET A 1 -3.19 12.28 -6.81
N ASN A 2 -2.03 12.04 -7.40
CA ASN A 2 -1.16 10.96 -6.97
C ASN A 2 0.01 11.54 -6.19
N LEU A 3 0.66 10.70 -5.41
CA LEU A 3 1.85 11.12 -4.69
C LEU A 3 3.10 10.61 -5.40
N ARG A 4 4.26 10.95 -4.87
CA ARG A 4 5.51 10.55 -5.49
C ARG A 4 5.88 9.13 -5.06
N TRP A 5 5.84 8.23 -6.01
CA TRP A 5 6.18 6.83 -5.73
C TRP A 5 7.66 6.59 -6.01
N THR A 6 8.36 6.10 -5.01
CA THR A 6 9.76 5.73 -5.18
C THR A 6 9.88 4.49 -6.05
N SER A 7 11.04 4.30 -6.66
CA SER A 7 11.25 3.14 -7.53
C SER A 7 11.00 1.84 -6.79
N GLU A 8 11.42 1.79 -5.52
CA GLU A 8 11.21 0.62 -4.69
C GLU A 8 9.72 0.43 -4.40
N ALA A 9 9.02 1.54 -4.14
CA ALA A 9 7.59 1.50 -3.85
C ALA A 9 6.82 0.99 -5.07
N LYS A 10 7.19 1.47 -6.24
CA LYS A 10 6.61 0.99 -7.49
C LYS A 10 6.74 -0.52 -7.60
N THR A 11 7.92 -1.04 -7.31
CA THR A 11 8.18 -2.47 -7.36
C THR A 11 7.32 -3.21 -6.32
N LYS A 12 7.23 -2.63 -5.13
CA LYS A 12 6.42 -3.20 -4.06
C LYS A 12 4.95 -3.25 -4.43
N LEU A 13 4.48 -2.21 -5.11
CA LEU A 13 3.10 -2.13 -5.56
C LEU A 13 2.80 -3.26 -6.55
N LYS A 14 3.80 -3.60 -7.35
CA LYS A 14 3.67 -4.67 -8.34
C LYS A 14 3.57 -6.03 -7.67
N ASN A 15 4.16 -6.15 -6.48
CA ASN A 15 4.14 -7.42 -5.74
C ASN A 15 2.77 -7.65 -5.09
N ILE A 16 1.95 -6.62 -5.07
CA ILE A 16 0.61 -6.71 -4.53
C ILE A 16 -0.35 -7.27 -5.59
N PRO A 17 -1.27 -8.16 -5.20
CA PRO A 17 -2.26 -8.74 -6.12
C PRO A 17 -3.07 -7.65 -6.84
N PHE A 18 -3.27 -7.86 -8.14
CA PHE A 18 -3.92 -6.86 -9.00
C PHE A 18 -5.32 -6.51 -8.51
N PHE A 19 -6.03 -7.49 -7.96
CA PHE A 19 -7.38 -7.28 -7.49
C PHE A 19 -7.43 -6.23 -6.37
N ALA A 20 -6.35 -6.13 -5.60
CA ALA A 20 -6.32 -5.24 -4.46
C ALA A 20 -5.27 -4.15 -4.60
N ARG A 21 -4.74 -3.97 -5.81
CA ARG A 21 -3.69 -2.97 -6.02
C ARG A 21 -4.25 -1.55 -5.94
N SER A 22 -5.41 -1.32 -6.54
CA SER A 22 -6.09 -0.04 -6.42
C SER A 22 -6.44 0.21 -4.96
N GLN A 23 -6.93 -0.84 -4.30
CA GLN A 23 -7.24 -0.81 -2.88
C GLN A 23 -6.00 -0.41 -2.06
N ALA A 24 -4.89 -1.10 -2.33
CA ALA A 24 -3.65 -0.86 -1.61
C ALA A 24 -3.11 0.53 -1.89
N LYS A 25 -3.13 0.94 -3.17
CA LYS A 25 -2.63 2.25 -3.56
C LYS A 25 -3.32 3.36 -2.77
N ALA A 26 -4.64 3.23 -2.63
CA ALA A 26 -5.42 4.19 -1.87
C ALA A 26 -4.94 4.23 -0.41
N ARG A 27 -4.66 3.06 0.14
CA ARG A 27 -4.17 2.95 1.50
C ARG A 27 -2.78 3.58 1.64
N ILE A 28 -1.89 3.20 0.74
CA ILE A 28 -0.49 3.65 0.78
C ILE A 28 -0.39 5.17 0.76
N GLU A 29 -1.08 5.79 -0.20
CA GLU A 29 -1.04 7.23 -0.36
C GLU A 29 -1.70 7.94 0.83
N GLN A 30 -2.70 7.30 1.41
CA GLN A 30 -3.37 7.85 2.59
C GLN A 30 -2.43 7.76 3.81
N LEU A 31 -1.63 6.69 3.85
CA LEU A 31 -0.64 6.52 4.90
C LEU A 31 0.42 7.61 4.80
N ALA A 32 0.77 7.96 3.57
CA ALA A 32 1.73 9.03 3.32
C ALA A 32 1.19 10.36 3.87
N ARG A 33 -0.12 10.56 3.73
CA ARG A 33 -0.74 11.77 4.28
C ARG A 33 -0.81 11.71 5.79
N GLN A 34 -0.83 10.51 6.35
CA GLN A 34 -0.79 10.34 7.80
C GLN A 34 0.57 10.78 8.32
N ALA A 35 1.56 10.69 7.45
CA ALA A 35 2.92 11.13 7.77
C ALA A 35 3.21 12.50 7.15
N GLU A 36 2.25 13.00 6.37
CA GLU A 36 2.37 14.29 5.67
C GLU A 36 3.60 14.33 4.77
N GLN A 37 3.83 13.23 4.09
CA GLN A 37 4.93 13.13 3.13
C GLN A 37 4.37 13.07 1.72
N ASP A 38 5.09 13.66 0.77
CA ASP A 38 4.64 13.69 -0.61
C ASP A 38 5.16 12.46 -1.35
N ILE A 39 6.11 11.79 -0.71
CA ILE A 39 6.77 10.64 -1.32
C ILE A 39 6.47 9.38 -0.52
N VAL A 40 6.02 8.34 -1.21
CA VAL A 40 5.72 7.09 -0.55
C VAL A 40 6.90 6.14 -0.64
N THR A 41 7.21 5.50 0.47
CA THR A 41 8.29 4.54 0.51
C THR A 41 7.73 3.13 0.37
N PRO A 42 8.57 2.15 0.02
CA PRO A 42 8.16 0.75 -0.07
C PRO A 42 7.67 0.22 1.27
N GLU A 43 8.05 0.93 2.32
CA GLU A 43 7.65 0.60 3.68
C GLU A 43 6.17 0.87 3.88
N LEU A 44 5.69 1.97 3.30
CA LEU A 44 4.26 2.29 3.31
C LEU A 44 3.49 1.29 2.48
N VAL A 45 4.05 0.93 1.34
CA VAL A 45 3.44 -0.05 0.46
C VAL A 45 3.31 -1.40 1.17
N GLU A 46 4.36 -1.77 1.90
CA GLU A 46 4.37 -3.00 2.66
C GLU A 46 3.29 -2.96 3.73
N GLN A 47 3.18 -1.82 4.43
CA GLN A 47 2.19 -1.64 5.48
C GLN A 47 0.78 -1.97 4.99
N ALA A 48 0.41 -1.43 3.84
CA ALA A 48 -0.91 -1.69 3.26
C ALA A 48 -1.06 -3.16 2.90
N ARG A 49 0.03 -3.75 2.45
CA ARG A 49 0.02 -5.14 2.04
C ARG A 49 -0.10 -6.04 3.26
N LEU A 50 0.53 -5.61 4.35
CA LEU A 50 0.55 -6.36 5.58
C LEU A 50 -0.80 -6.29 6.29
N GLU A 51 -1.41 -5.10 6.30
CA GLU A 51 -2.69 -4.94 6.96
C GLU A 51 -3.76 -5.80 6.31
N PHE A 52 -3.71 -5.90 4.98
CA PHE A 52 -4.63 -6.76 4.25
C PHE A 52 -4.35 -8.23 4.56
N GLY A 53 -3.08 -8.54 4.77
CA GLY A 53 -2.70 -9.89 5.14
C GLY A 53 -3.20 -10.27 6.52
N GLN A 54 -3.16 -9.31 7.43
CA GLN A 54 -3.56 -9.54 8.82
C GLN A 54 -5.08 -9.68 8.96
N LEU A 55 -5.82 -8.90 8.16
CA LEU A 55 -7.28 -8.91 8.27
C LEU A 55 -7.90 -10.02 7.44
N GLU A 56 -7.09 -10.74 6.69
CA GLU A 56 -7.60 -11.80 5.83
C GLU A 56 -6.78 -13.08 5.98
N HIS A 57 -7.35 -14.06 6.67
CA HIS A 57 -6.71 -15.36 6.85
C HIS A 57 -7.46 -16.42 6.06
N HIS A 58 -8.01 -15.99 4.92
CA HIS A 58 -8.77 -16.85 4.02
C HIS A 58 -10.13 -17.23 4.61
N HIS A 59 -10.13 -18.08 5.62
CA HIS A 59 -11.39 -18.50 6.23
C HIS A 59 -11.86 -17.45 7.23
N HIS A 60 -12.58 -16.45 6.73
CA HIS A 60 -13.07 -15.36 7.56
C HIS A 60 -14.40 -15.73 8.22
N HIS A 61 -14.34 -16.76 9.06
CA HIS A 61 -15.48 -17.23 9.83
C HIS A 61 -15.03 -18.41 10.68
N HIS A 62 -15.92 -18.94 11.51
CA HIS A 62 -15.58 -20.11 12.30
C HIS A 62 -16.57 -21.24 12.03
N MET A 1 -6.01 12.65 -6.40
CA MET A 1 -4.56 12.96 -6.37
C MET A 1 -3.74 11.69 -6.28
N ASN A 2 -2.45 11.82 -6.53
CA ASN A 2 -1.52 10.73 -6.37
C ASN A 2 -0.25 11.26 -5.73
N LEU A 3 0.52 10.37 -5.13
CA LEU A 3 1.77 10.78 -4.49
C LEU A 3 2.96 10.36 -5.35
N ARG A 4 4.15 10.70 -4.88
CA ARG A 4 5.36 10.35 -5.59
C ARG A 4 5.87 9.00 -5.11
N TRP A 5 5.85 8.03 -6.02
CA TRP A 5 6.24 6.67 -5.69
C TRP A 5 7.70 6.43 -6.04
N THR A 6 8.45 5.87 -5.09
CA THR A 6 9.85 5.55 -5.33
C THR A 6 9.95 4.26 -6.15
N SER A 7 11.11 4.02 -6.75
CA SER A 7 11.29 2.82 -7.55
C SER A 7 11.03 1.55 -6.74
N GLU A 8 11.39 1.59 -5.47
CA GLU A 8 11.14 0.47 -4.57
C GLU A 8 9.65 0.32 -4.32
N ALA A 9 9.00 1.44 -4.03
CA ALA A 9 7.58 1.45 -3.74
C ALA A 9 6.75 0.96 -4.93
N LYS A 10 7.10 1.41 -6.12
CA LYS A 10 6.42 1.00 -7.33
C LYS A 10 6.58 -0.51 -7.55
N THR A 11 7.77 -1.01 -7.25
CA THR A 11 8.04 -2.43 -7.38
C THR A 11 7.29 -3.23 -6.30
N LYS A 12 7.29 -2.69 -5.08
CA LYS A 12 6.55 -3.30 -3.97
C LYS A 12 5.07 -3.42 -4.32
N LEU A 13 4.52 -2.36 -4.91
CA LEU A 13 3.12 -2.33 -5.30
C LEU A 13 2.80 -3.39 -6.34
N LYS A 14 3.70 -3.55 -7.30
CA LYS A 14 3.51 -4.55 -8.36
C LYS A 14 3.60 -5.97 -7.80
N ASN A 15 4.07 -6.10 -6.57
CA ASN A 15 4.11 -7.39 -5.89
C ASN A 15 2.80 -7.64 -5.14
N ILE A 16 1.92 -6.64 -5.17
CA ILE A 16 0.58 -6.79 -4.61
C ILE A 16 -0.40 -7.17 -5.73
N PRO A 17 -1.31 -8.12 -5.47
CA PRO A 17 -2.34 -8.53 -6.46
C PRO A 17 -3.10 -7.33 -7.02
N PHE A 18 -3.27 -7.32 -8.34
CA PHE A 18 -3.88 -6.19 -9.04
C PHE A 18 -5.27 -5.86 -8.52
N PHE A 19 -6.03 -6.90 -8.20
CA PHE A 19 -7.41 -6.72 -7.75
C PHE A 19 -7.47 -5.97 -6.42
N ALA A 20 -6.34 -5.87 -5.74
CA ALA A 20 -6.27 -5.16 -4.47
C ALA A 20 -5.29 -3.98 -4.57
N ARG A 21 -4.68 -3.79 -5.74
CA ARG A 21 -3.67 -2.74 -5.90
C ARG A 21 -4.31 -1.36 -5.84
N SER A 22 -5.47 -1.19 -6.46
CA SER A 22 -6.17 0.07 -6.42
C SER A 22 -6.57 0.42 -4.99
N GLN A 23 -6.96 -0.61 -4.26
CA GLN A 23 -7.39 -0.47 -2.87
C GLN A 23 -6.19 -0.23 -1.96
N ALA A 24 -5.12 -0.97 -2.19
CA ALA A 24 -3.89 -0.81 -1.42
C ALA A 24 -3.24 0.53 -1.70
N LYS A 25 -3.20 0.92 -2.97
CA LYS A 25 -2.61 2.19 -3.36
C LYS A 25 -3.29 3.34 -2.63
N ALA A 26 -4.61 3.30 -2.57
CA ALA A 26 -5.37 4.30 -1.84
C ALA A 26 -4.92 4.37 -0.38
N ARG A 27 -4.74 3.20 0.23
CA ARG A 27 -4.29 3.13 1.62
C ARG A 27 -2.86 3.64 1.76
N ILE A 28 -1.98 3.20 0.88
CA ILE A 28 -0.57 3.59 0.91
C ILE A 28 -0.41 5.10 0.87
N GLU A 29 -1.08 5.73 -0.08
CA GLU A 29 -1.00 7.17 -0.25
C GLU A 29 -1.71 7.90 0.90
N GLN A 30 -2.69 7.24 1.51
CA GLN A 30 -3.32 7.79 2.72
C GLN A 30 -2.36 7.72 3.91
N LEU A 31 -1.60 6.63 3.98
CA LEU A 31 -0.60 6.46 5.03
C LEU A 31 0.47 7.54 4.93
N ALA A 32 0.88 7.83 3.71
CA ALA A 32 1.88 8.87 3.48
C ALA A 32 1.30 10.25 3.80
N ARG A 33 0.07 10.51 3.37
CA ARG A 33 -0.59 11.76 3.69
C ARG A 33 -0.88 11.89 5.18
N GLN A 34 -0.89 10.76 5.89
CA GLN A 34 -0.99 10.79 7.34
C GLN A 34 0.30 11.37 7.91
N ALA A 35 1.41 10.98 7.30
CA ALA A 35 2.71 11.55 7.64
C ALA A 35 2.88 12.93 7.00
N GLU A 36 1.94 13.26 6.11
CA GLU A 36 1.95 14.51 5.36
C GLU A 36 3.17 14.59 4.46
N GLN A 37 3.57 13.45 3.93
CA GLN A 37 4.68 13.35 3.00
C GLN A 37 4.15 13.15 1.58
N ASP A 38 4.83 13.70 0.60
CA ASP A 38 4.39 13.59 -0.79
C ASP A 38 5.01 12.38 -1.47
N ILE A 39 5.91 11.73 -0.76
CA ILE A 39 6.64 10.60 -1.30
C ILE A 39 6.35 9.36 -0.47
N VAL A 40 5.99 8.27 -1.13
CA VAL A 40 5.72 7.02 -0.42
C VAL A 40 6.95 6.13 -0.45
N THR A 41 7.28 5.54 0.68
CA THR A 41 8.38 4.62 0.78
C THR A 41 7.90 3.18 0.66
N PRO A 42 8.78 2.25 0.26
CA PRO A 42 8.43 0.84 0.05
C PRO A 42 7.81 0.20 1.30
N GLU A 43 8.23 0.66 2.47
CA GLU A 43 7.73 0.11 3.72
C GLU A 43 6.27 0.49 3.95
N LEU A 44 5.88 1.65 3.44
CA LEU A 44 4.47 2.07 3.50
C LEU A 44 3.63 1.18 2.61
N VAL A 45 4.19 0.85 1.44
CA VAL A 45 3.54 -0.07 0.51
C VAL A 45 3.42 -1.44 1.17
N GLU A 46 4.49 -1.87 1.82
CA GLU A 46 4.51 -3.14 2.52
C GLU A 46 3.45 -3.16 3.62
N GLN A 47 3.41 -2.09 4.41
CA GLN A 47 2.46 -1.98 5.53
C GLN A 47 1.03 -2.13 5.05
N ALA A 48 0.71 -1.56 3.90
CA ALA A 48 -0.62 -1.71 3.33
C ALA A 48 -0.93 -3.17 3.06
N ARG A 49 0.05 -3.88 2.53
CA ARG A 49 -0.11 -5.30 2.24
C ARG A 49 -0.09 -6.11 3.52
N LEU A 50 0.56 -5.57 4.54
CA LEU A 50 0.62 -6.19 5.84
C LEU A 50 -0.79 -6.20 6.46
N GLU A 51 -1.46 -5.06 6.37
CA GLU A 51 -2.83 -4.91 6.86
C GLU A 51 -3.73 -5.98 6.24
N PHE A 52 -3.76 -6.03 4.92
CA PHE A 52 -4.56 -7.02 4.21
C PHE A 52 -4.03 -8.43 4.47
N GLY A 53 -2.73 -8.53 4.69
CA GLY A 53 -2.11 -9.82 4.96
C GLY A 53 -2.39 -10.32 6.37
N GLN A 54 -3.04 -9.49 7.18
CA GLN A 54 -3.52 -9.93 8.48
C GLN A 54 -5.04 -10.03 8.49
N LEU A 55 -5.70 -9.02 7.91
CA LEU A 55 -7.16 -8.96 7.90
C LEU A 55 -7.78 -10.10 7.11
N GLU A 56 -7.22 -10.42 5.95
CA GLU A 56 -7.74 -11.51 5.14
C GLU A 56 -7.27 -12.86 5.69
N HIS A 57 -5.99 -13.15 5.51
CA HIS A 57 -5.40 -14.37 6.04
C HIS A 57 -4.01 -14.09 6.58
N HIS A 58 -3.86 -14.20 7.89
CA HIS A 58 -2.56 -14.06 8.54
C HIS A 58 -1.50 -14.88 7.81
N HIS A 59 -0.38 -14.22 7.49
CA HIS A 59 0.72 -14.87 6.79
C HIS A 59 1.15 -16.14 7.50
N HIS A 60 0.82 -17.28 6.92
CA HIS A 60 1.15 -18.56 7.52
C HIS A 60 2.17 -19.30 6.66
N HIS A 61 3.42 -18.90 6.83
CA HIS A 61 4.54 -19.54 6.15
C HIS A 61 5.23 -20.49 7.10
N HIS A 62 5.40 -21.73 6.67
CA HIS A 62 6.11 -22.72 7.46
C HIS A 62 7.60 -22.44 7.43
N MET A 1 -6.11 12.28 -8.07
CA MET A 1 -4.95 12.61 -7.21
C MET A 1 -4.00 11.42 -7.12
N ASN A 2 -2.71 11.72 -7.10
CA ASN A 2 -1.69 10.69 -6.97
C ASN A 2 -0.49 11.25 -6.23
N LEU A 3 0.18 10.40 -5.48
CA LEU A 3 1.39 10.82 -4.79
C LEU A 3 2.62 10.36 -5.56
N ARG A 4 3.79 10.77 -5.07
CA ARG A 4 5.05 10.42 -5.71
C ARG A 4 5.53 9.07 -5.23
N TRP A 5 5.54 8.11 -6.13
CA TRP A 5 5.94 6.76 -5.80
C TRP A 5 7.43 6.55 -6.10
N THR A 6 8.16 6.13 -5.08
CA THR A 6 9.57 5.81 -5.25
C THR A 6 9.73 4.55 -6.08
N SER A 7 10.90 4.36 -6.67
CA SER A 7 11.18 3.18 -7.49
C SER A 7 10.98 1.90 -6.68
N GLU A 8 11.33 1.96 -5.40
CA GLU A 8 11.16 0.83 -4.50
C GLU A 8 9.68 0.61 -4.20
N ALA A 9 8.97 1.71 -3.96
CA ALA A 9 7.54 1.66 -3.66
C ALA A 9 6.76 1.05 -4.82
N LYS A 10 7.06 1.49 -6.04
CA LYS A 10 6.41 0.94 -7.23
C LYS A 10 6.67 -0.55 -7.36
N THR A 11 7.88 -0.96 -7.02
CA THR A 11 8.25 -2.37 -7.04
C THR A 11 7.44 -3.15 -5.99
N LYS A 12 7.31 -2.56 -4.81
CA LYS A 12 6.54 -3.17 -3.73
C LYS A 12 5.06 -3.23 -4.09
N LEU A 13 4.60 -2.23 -4.84
CA LEU A 13 3.21 -2.15 -5.28
C LEU A 13 2.89 -3.33 -6.20
N LYS A 14 3.87 -3.74 -6.99
CA LYS A 14 3.71 -4.87 -7.91
C LYS A 14 3.56 -6.17 -7.14
N ASN A 15 4.00 -6.18 -5.89
CA ASN A 15 3.92 -7.37 -5.06
C ASN A 15 2.50 -7.56 -4.54
N ILE A 16 1.69 -6.53 -4.69
CA ILE A 16 0.31 -6.57 -4.24
C ILE A 16 -0.60 -7.10 -5.35
N PRO A 17 -1.50 -8.05 -5.02
CA PRO A 17 -2.46 -8.61 -5.98
C PRO A 17 -3.14 -7.53 -6.81
N PHE A 18 -3.27 -7.79 -8.11
CA PHE A 18 -3.75 -6.79 -9.07
C PHE A 18 -5.07 -6.14 -8.65
N PHE A 19 -6.04 -6.96 -8.25
CA PHE A 19 -7.38 -6.47 -7.92
C PHE A 19 -7.39 -5.67 -6.62
N ALA A 20 -6.47 -5.99 -5.72
CA ALA A 20 -6.40 -5.30 -4.44
C ALA A 20 -5.36 -4.19 -4.47
N ARG A 21 -4.61 -4.12 -5.55
CA ARG A 21 -3.50 -3.18 -5.68
C ARG A 21 -4.00 -1.74 -5.68
N SER A 22 -5.10 -1.49 -6.40
CA SER A 22 -5.68 -0.16 -6.45
C SER A 22 -6.20 0.25 -5.07
N GLN A 23 -6.73 -0.73 -4.35
CA GLN A 23 -7.27 -0.51 -3.02
C GLN A 23 -6.14 -0.27 -2.01
N ALA A 24 -5.10 -1.07 -2.11
CA ALA A 24 -3.93 -0.91 -1.27
C ALA A 24 -3.25 0.42 -1.55
N LYS A 25 -3.15 0.76 -2.84
CA LYS A 25 -2.57 2.03 -3.27
C LYS A 25 -3.24 3.20 -2.56
N ALA A 26 -4.57 3.15 -2.48
CA ALA A 26 -5.33 4.18 -1.79
C ALA A 26 -4.86 4.31 -0.34
N ARG A 27 -4.71 3.16 0.33
CA ARG A 27 -4.25 3.17 1.72
C ARG A 27 -2.79 3.61 1.83
N ILE A 28 -1.94 3.12 0.94
CA ILE A 28 -0.52 3.47 0.94
C ILE A 28 -0.32 4.97 0.86
N GLU A 29 -1.02 5.62 -0.06
CA GLU A 29 -0.91 7.05 -0.21
C GLU A 29 -1.46 7.77 1.02
N GLN A 30 -2.53 7.23 1.60
CA GLN A 30 -3.10 7.80 2.83
C GLN A 30 -2.08 7.71 3.96
N LEU A 31 -1.30 6.63 3.98
CA LEU A 31 -0.25 6.45 4.98
C LEU A 31 0.81 7.53 4.86
N ALA A 32 1.15 7.89 3.62
CA ALA A 32 2.13 8.94 3.37
C ALA A 32 1.55 10.31 3.71
N ARG A 33 0.29 10.51 3.35
CA ARG A 33 -0.42 11.73 3.68
C ARG A 33 -0.52 11.88 5.19
N GLN A 34 -0.64 10.74 5.87
CA GLN A 34 -0.63 10.70 7.32
C GLN A 34 0.71 11.16 7.86
N ALA A 35 1.78 10.79 7.16
CA ALA A 35 3.13 11.16 7.54
C ALA A 35 3.47 12.58 7.07
N GLU A 36 2.55 13.17 6.32
CA GLU A 36 2.67 14.56 5.85
C GLU A 36 3.75 14.70 4.79
N GLN A 37 3.79 13.75 3.86
CA GLN A 37 4.71 13.80 2.75
C GLN A 37 4.00 13.39 1.46
N ASP A 38 4.52 13.86 0.34
CA ASP A 38 3.91 13.56 -0.96
C ASP A 38 4.56 12.33 -1.57
N ILE A 39 5.55 11.79 -0.89
CA ILE A 39 6.30 10.65 -1.38
C ILE A 39 5.99 9.40 -0.56
N VAL A 40 5.70 8.30 -1.23
CA VAL A 40 5.47 7.04 -0.53
C VAL A 40 6.75 6.20 -0.54
N THR A 41 7.04 5.59 0.59
CA THR A 41 8.23 4.77 0.72
C THR A 41 7.86 3.29 0.66
N PRO A 42 8.82 2.43 0.29
CA PRO A 42 8.57 1.00 0.03
C PRO A 42 7.94 0.25 1.21
N GLU A 43 8.34 0.59 2.43
CA GLU A 43 7.86 -0.15 3.59
C GLU A 43 6.43 0.27 3.95
N LEU A 44 6.05 1.49 3.56
CA LEU A 44 4.65 1.91 3.71
C LEU A 44 3.78 1.13 2.74
N VAL A 45 4.33 0.87 1.56
CA VAL A 45 3.63 0.11 0.53
C VAL A 45 3.30 -1.30 1.02
N GLU A 46 4.31 -1.99 1.54
CA GLU A 46 4.11 -3.35 2.00
C GLU A 46 3.35 -3.36 3.32
N GLN A 47 3.41 -2.25 4.06
CA GLN A 47 2.69 -2.15 5.32
C GLN A 47 1.19 -2.24 5.06
N ALA A 48 0.74 -1.59 4.01
CA ALA A 48 -0.66 -1.69 3.58
C ALA A 48 -0.95 -3.10 3.11
N ARG A 49 0.07 -3.75 2.54
CA ARG A 49 -0.06 -5.12 2.07
C ARG A 49 -0.14 -6.05 3.27
N LEU A 50 0.49 -5.63 4.36
CA LEU A 50 0.46 -6.37 5.60
C LEU A 50 -0.93 -6.30 6.21
N GLU A 51 -1.53 -5.11 6.15
CA GLU A 51 -2.88 -4.91 6.66
C GLU A 51 -3.85 -5.85 5.95
N PHE A 52 -3.79 -5.84 4.62
CA PHE A 52 -4.65 -6.71 3.83
C PHE A 52 -4.21 -8.16 3.93
N GLY A 53 -2.94 -8.35 4.24
CA GLY A 53 -2.42 -9.69 4.47
C GLY A 53 -3.04 -10.33 5.69
N GLN A 54 -3.42 -9.50 6.65
CA GLN A 54 -4.10 -9.97 7.85
C GLN A 54 -5.61 -10.00 7.65
N LEU A 55 -6.11 -9.09 6.81
CA LEU A 55 -7.53 -9.05 6.49
C LEU A 55 -7.90 -10.20 5.57
N GLU A 56 -6.91 -10.70 4.84
CA GLU A 56 -7.04 -11.89 4.01
C GLU A 56 -8.01 -11.67 2.85
N HIS A 57 -7.66 -10.72 1.97
CA HIS A 57 -8.46 -10.37 0.77
C HIS A 57 -9.75 -9.65 1.15
N HIS A 58 -10.54 -10.28 2.00
CA HIS A 58 -11.82 -9.77 2.43
C HIS A 58 -12.02 -10.18 3.88
N HIS A 59 -12.54 -9.25 4.70
CA HIS A 59 -12.74 -9.49 6.13
C HIS A 59 -13.33 -10.87 6.39
N HIS A 60 -12.47 -11.79 6.83
CA HIS A 60 -12.87 -13.17 7.05
C HIS A 60 -13.63 -13.29 8.37
N HIS A 61 -12.89 -13.25 9.48
CA HIS A 61 -13.52 -13.30 10.78
C HIS A 61 -13.30 -11.96 11.50
N HIS A 62 -12.48 -11.11 10.89
CA HIS A 62 -12.22 -9.78 11.41
C HIS A 62 -12.03 -8.81 10.26
N MET A 1 -4.44 13.40 -5.58
CA MET A 1 -4.79 12.07 -5.03
C MET A 1 -3.66 11.07 -5.22
N ASN A 2 -2.83 11.31 -6.24
CA ASN A 2 -1.68 10.46 -6.50
C ASN A 2 -0.41 11.15 -6.02
N LEU A 3 0.44 10.41 -5.33
CA LEU A 3 1.65 10.95 -4.75
C LEU A 3 2.89 10.45 -5.49
N ARG A 4 4.06 10.90 -5.04
CA ARG A 4 5.32 10.46 -5.63
C ARG A 4 5.68 9.06 -5.15
N TRP A 5 5.72 8.13 -6.08
CA TRP A 5 6.10 6.76 -5.75
C TRP A 5 7.57 6.53 -6.05
N THR A 6 8.27 5.98 -5.07
CA THR A 6 9.65 5.61 -5.24
C THR A 6 9.73 4.35 -6.10
N SER A 7 10.87 4.13 -6.75
CA SER A 7 11.04 2.95 -7.60
C SER A 7 10.89 1.67 -6.78
N GLU A 8 11.28 1.75 -5.51
CA GLU A 8 11.11 0.63 -4.60
C GLU A 8 9.63 0.42 -4.31
N ALA A 9 8.92 1.52 -4.07
CA ALA A 9 7.48 1.48 -3.81
C ALA A 9 6.73 0.92 -5.01
N LYS A 10 7.11 1.35 -6.20
CA LYS A 10 6.52 0.83 -7.44
C LYS A 10 6.65 -0.69 -7.49
N THR A 11 7.85 -1.18 -7.20
CA THR A 11 8.10 -2.61 -7.20
C THR A 11 7.25 -3.32 -6.14
N LYS A 12 7.10 -2.67 -4.99
CA LYS A 12 6.27 -3.19 -3.91
C LYS A 12 4.80 -3.21 -4.32
N LEU A 13 4.37 -2.18 -5.04
CA LEU A 13 2.99 -2.11 -5.52
C LEU A 13 2.73 -3.22 -6.52
N LYS A 14 3.73 -3.51 -7.35
CA LYS A 14 3.67 -4.62 -8.30
C LYS A 14 3.71 -5.95 -7.57
N ASN A 15 4.20 -5.92 -6.34
CA ASN A 15 4.31 -7.12 -5.52
C ASN A 15 2.95 -7.48 -4.94
N ILE A 16 2.05 -6.50 -4.96
CA ILE A 16 0.69 -6.69 -4.50
C ILE A 16 -0.17 -7.22 -5.63
N PRO A 17 -1.03 -8.21 -5.36
CA PRO A 17 -1.98 -8.71 -6.35
C PRO A 17 -2.84 -7.59 -6.94
N PHE A 18 -3.02 -7.62 -8.25
CA PHE A 18 -3.79 -6.60 -8.97
C PHE A 18 -5.16 -6.37 -8.34
N PHE A 19 -5.75 -7.44 -7.83
CA PHE A 19 -7.05 -7.38 -7.19
C PHE A 19 -7.06 -6.39 -6.02
N ALA A 20 -5.93 -6.24 -5.35
CA ALA A 20 -5.86 -5.39 -4.17
C ALA A 20 -4.92 -4.22 -4.36
N ARG A 21 -4.40 -4.04 -5.57
CA ARG A 21 -3.45 -2.97 -5.85
C ARG A 21 -4.10 -1.60 -5.67
N SER A 22 -5.26 -1.42 -6.28
CA SER A 22 -5.98 -0.15 -6.20
C SER A 22 -6.36 0.16 -4.75
N GLN A 23 -6.84 -0.86 -4.06
CA GLN A 23 -7.21 -0.73 -2.65
C GLN A 23 -5.98 -0.35 -1.81
N ALA A 24 -4.90 -1.09 -2.01
CA ALA A 24 -3.67 -0.84 -1.28
C ALA A 24 -3.14 0.55 -1.60
N LYS A 25 -3.08 0.88 -2.89
CA LYS A 25 -2.57 2.18 -3.34
C LYS A 25 -3.26 3.32 -2.60
N ALA A 26 -4.58 3.23 -2.48
CA ALA A 26 -5.37 4.24 -1.79
C ALA A 26 -4.94 4.38 -0.34
N ARG A 27 -4.67 3.26 0.32
CA ARG A 27 -4.22 3.29 1.70
C ARG A 27 -2.76 3.72 1.80
N ILE A 28 -1.94 3.30 0.84
CA ILE A 28 -0.52 3.66 0.82
C ILE A 28 -0.35 5.17 0.77
N GLU A 29 -1.00 5.79 -0.19
CA GLU A 29 -0.91 7.24 -0.35
C GLU A 29 -1.63 7.95 0.79
N GLN A 30 -2.58 7.26 1.40
CA GLN A 30 -3.24 7.76 2.60
C GLN A 30 -2.27 7.76 3.78
N LEU A 31 -1.47 6.69 3.87
CA LEU A 31 -0.47 6.55 4.92
C LEU A 31 0.61 7.63 4.77
N ALA A 32 0.89 7.99 3.52
CA ALA A 32 1.81 9.08 3.23
C ALA A 32 1.24 10.40 3.72
N ARG A 33 -0.08 10.56 3.58
CA ARG A 33 -0.78 11.73 4.10
C ARG A 33 -0.71 11.76 5.62
N GLN A 34 -0.80 10.57 6.21
CA GLN A 34 -0.68 10.40 7.65
C GLN A 34 0.69 10.86 8.14
N ALA A 35 1.72 10.54 7.37
CA ALA A 35 3.06 10.97 7.66
C ALA A 35 3.28 12.42 7.22
N GLU A 36 2.31 12.93 6.45
CA GLU A 36 2.33 14.30 5.95
C GLU A 36 3.46 14.51 4.95
N GLN A 37 3.70 13.48 4.13
CA GLN A 37 4.70 13.54 3.08
C GLN A 37 4.05 13.17 1.75
N ASP A 38 4.53 13.79 0.66
CA ASP A 38 3.92 13.57 -0.66
C ASP A 38 4.66 12.47 -1.41
N ILE A 39 5.46 11.71 -0.67
CA ILE A 39 6.25 10.62 -1.23
C ILE A 39 5.96 9.34 -0.45
N VAL A 40 5.76 8.23 -1.18
CA VAL A 40 5.52 6.97 -0.53
C VAL A 40 6.77 6.09 -0.55
N THR A 41 7.02 5.42 0.55
CA THR A 41 8.15 4.53 0.67
C THR A 41 7.73 3.09 0.40
N PRO A 42 8.68 2.21 0.04
CA PRO A 42 8.39 0.80 -0.21
C PRO A 42 7.81 0.11 1.01
N GLU A 43 8.23 0.56 2.19
CA GLU A 43 7.80 -0.05 3.44
C GLU A 43 6.36 0.37 3.76
N LEU A 44 5.94 1.52 3.26
CA LEU A 44 4.56 1.94 3.38
C LEU A 44 3.67 1.04 2.54
N VAL A 45 4.15 0.73 1.34
CA VAL A 45 3.46 -0.22 0.47
C VAL A 45 3.42 -1.59 1.12
N GLU A 46 4.56 -1.97 1.70
CA GLU A 46 4.68 -3.20 2.47
C GLU A 46 3.62 -3.23 3.58
N GLN A 47 3.64 -2.20 4.42
CA GLN A 47 2.73 -2.10 5.55
C GLN A 47 1.28 -2.18 5.09
N ALA A 48 0.94 -1.43 4.05
CA ALA A 48 -0.42 -1.43 3.52
C ALA A 48 -0.83 -2.83 3.05
N ARG A 49 0.11 -3.54 2.45
CA ARG A 49 -0.19 -4.88 1.95
C ARG A 49 -0.23 -5.87 3.10
N LEU A 50 0.44 -5.52 4.19
CA LEU A 50 0.41 -6.32 5.40
C LEU A 50 -0.93 -6.14 6.10
N GLU A 51 -1.41 -4.90 6.11
CA GLU A 51 -2.71 -4.55 6.67
C GLU A 51 -3.80 -5.43 6.07
N PHE A 52 -3.88 -5.44 4.75
CA PHE A 52 -4.92 -6.20 4.06
C PHE A 52 -4.64 -7.70 4.15
N GLY A 53 -3.37 -8.05 4.35
CA GLY A 53 -3.01 -9.43 4.56
C GLY A 53 -3.60 -9.98 5.83
N GLN A 54 -3.62 -9.15 6.87
CA GLN A 54 -4.23 -9.52 8.14
C GLN A 54 -5.74 -9.47 8.05
N LEU A 55 -6.26 -8.53 7.26
CA LEU A 55 -7.70 -8.39 7.07
C LEU A 55 -8.26 -9.58 6.31
N GLU A 56 -7.48 -10.10 5.37
CA GLU A 56 -7.89 -11.25 4.58
C GLU A 56 -7.40 -12.54 5.23
N HIS A 57 -6.86 -12.41 6.44
CA HIS A 57 -6.43 -13.57 7.21
C HIS A 57 -7.64 -14.13 7.97
N HIS A 58 -8.04 -15.34 7.62
CA HIS A 58 -9.24 -15.94 8.20
C HIS A 58 -8.89 -16.78 9.41
N HIS A 59 -9.49 -16.46 10.55
CA HIS A 59 -9.23 -17.20 11.77
C HIS A 59 -10.51 -17.39 12.59
N HIS A 60 -10.93 -16.35 13.31
CA HIS A 60 -12.05 -16.49 14.24
C HIS A 60 -12.95 -15.25 14.26
N HIS A 61 -12.95 -14.50 13.16
CA HIS A 61 -13.72 -13.25 13.09
C HIS A 61 -13.16 -12.25 14.11
N HIS A 62 -13.95 -11.26 14.46
CA HIS A 62 -13.56 -10.32 15.51
C HIS A 62 -14.77 -10.01 16.40
N MET A 1 -4.72 12.17 -8.65
CA MET A 1 -4.87 11.39 -7.40
C MET A 1 -3.71 10.42 -7.25
N ASN A 2 -2.50 10.91 -7.47
CA ASN A 2 -1.30 10.11 -7.33
C ASN A 2 -0.23 10.86 -6.54
N LEU A 3 0.31 10.21 -5.52
CA LEU A 3 1.44 10.77 -4.81
C LEU A 3 2.74 10.40 -5.51
N ARG A 4 3.86 10.82 -4.97
CA ARG A 4 5.14 10.53 -5.58
C ARG A 4 5.62 9.16 -5.15
N TRP A 5 5.76 8.28 -6.11
CA TRP A 5 6.15 6.91 -5.83
C TRP A 5 7.63 6.70 -6.09
N THR A 6 8.31 6.20 -5.07
CA THR A 6 9.71 5.83 -5.21
C THR A 6 9.81 4.56 -6.05
N SER A 7 10.97 4.31 -6.65
CA SER A 7 11.16 3.14 -7.49
C SER A 7 10.89 1.88 -6.67
N GLU A 8 11.38 1.89 -5.43
CA GLU A 8 11.17 0.79 -4.50
C GLU A 8 9.69 0.58 -4.23
N ALA A 9 8.97 1.68 -4.03
CA ALA A 9 7.53 1.63 -3.77
C ALA A 9 6.78 1.08 -4.97
N LYS A 10 7.13 1.56 -6.16
CA LYS A 10 6.52 1.08 -7.40
C LYS A 10 6.71 -0.43 -7.55
N THR A 11 7.91 -0.91 -7.26
CA THR A 11 8.21 -2.33 -7.33
C THR A 11 7.44 -3.11 -6.26
N LYS A 12 7.33 -2.54 -5.07
CA LYS A 12 6.56 -3.14 -3.99
C LYS A 12 5.08 -3.22 -4.36
N LEU A 13 4.57 -2.18 -5.02
CA LEU A 13 3.19 -2.14 -5.46
C LEU A 13 2.89 -3.28 -6.43
N LYS A 14 3.88 -3.61 -7.24
CA LYS A 14 3.76 -4.71 -8.21
C LYS A 14 3.72 -6.06 -7.50
N ASN A 15 4.10 -6.09 -6.24
CA ASN A 15 4.09 -7.31 -5.46
C ASN A 15 2.79 -7.47 -4.70
N ILE A 16 1.87 -6.53 -4.92
CA ILE A 16 0.54 -6.60 -4.34
C ILE A 16 -0.44 -7.21 -5.33
N PRO A 17 -1.26 -8.19 -4.88
CA PRO A 17 -2.28 -8.82 -5.74
C PRO A 17 -3.17 -7.79 -6.43
N PHE A 18 -3.40 -7.99 -7.73
CA PHE A 18 -4.09 -6.99 -8.56
C PHE A 18 -5.43 -6.57 -7.95
N PHE A 19 -6.20 -7.53 -7.49
CA PHE A 19 -7.54 -7.26 -6.96
C PHE A 19 -7.51 -6.29 -5.79
N ALA A 20 -6.38 -6.26 -5.08
CA ALA A 20 -6.24 -5.39 -3.92
C ALA A 20 -5.13 -4.38 -4.14
N ARG A 21 -4.60 -4.32 -5.36
CA ARG A 21 -3.46 -3.46 -5.65
C ARG A 21 -3.89 -2.00 -5.68
N SER A 22 -4.94 -1.71 -6.42
CA SER A 22 -5.48 -0.36 -6.48
C SER A 22 -6.06 0.04 -5.12
N GLN A 23 -6.51 -0.96 -4.37
CA GLN A 23 -7.04 -0.73 -3.04
C GLN A 23 -5.91 -0.40 -2.08
N ALA A 24 -4.84 -1.19 -2.15
CA ALA A 24 -3.66 -0.96 -1.35
C ALA A 24 -3.06 0.40 -1.66
N LYS A 25 -3.01 0.74 -2.95
CA LYS A 25 -2.52 2.05 -3.39
C LYS A 25 -3.23 3.18 -2.65
N ALA A 26 -4.56 3.09 -2.59
CA ALA A 26 -5.36 4.10 -1.90
C ALA A 26 -4.97 4.21 -0.44
N ARG A 27 -4.63 3.08 0.18
CA ARG A 27 -4.23 3.08 1.57
C ARG A 27 -2.78 3.58 1.72
N ILE A 28 -1.92 3.19 0.77
CA ILE A 28 -0.52 3.62 0.79
C ILE A 28 -0.41 5.14 0.76
N GLU A 29 -1.08 5.75 -0.21
CA GLU A 29 -1.05 7.19 -0.36
C GLU A 29 -1.78 7.87 0.80
N GLN A 30 -2.76 7.16 1.37
CA GLN A 30 -3.42 7.62 2.58
C GLN A 30 -2.44 7.63 3.75
N LEU A 31 -1.64 6.57 3.86
CA LEU A 31 -0.64 6.45 4.92
C LEU A 31 0.44 7.52 4.78
N ALA A 32 0.73 7.91 3.54
CA ALA A 32 1.69 8.97 3.28
C ALA A 32 1.17 10.31 3.80
N ARG A 33 -0.14 10.52 3.68
CA ARG A 33 -0.77 11.72 4.23
C ARG A 33 -0.61 11.75 5.75
N GLN A 34 -0.71 10.58 6.38
CA GLN A 34 -0.50 10.48 7.82
C GLN A 34 0.98 10.67 8.15
N ALA A 35 1.84 10.24 7.25
CA ALA A 35 3.28 10.37 7.42
C ALA A 35 3.75 11.78 7.07
N GLU A 36 2.81 12.60 6.57
CA GLU A 36 3.05 14.01 6.28
C GLU A 36 4.08 14.15 5.15
N GLN A 37 4.04 13.23 4.20
CA GLN A 37 4.97 13.23 3.08
C GLN A 37 4.23 13.02 1.76
N ASP A 38 4.69 13.68 0.71
CA ASP A 38 4.08 13.57 -0.61
C ASP A 38 4.67 12.38 -1.35
N ILE A 39 5.71 11.82 -0.77
CA ILE A 39 6.43 10.72 -1.39
C ILE A 39 6.18 9.44 -0.59
N VAL A 40 5.86 8.36 -1.28
CA VAL A 40 5.61 7.10 -0.60
C VAL A 40 6.85 6.22 -0.66
N THR A 41 7.17 5.61 0.46
CA THR A 41 8.30 4.70 0.55
C THR A 41 7.82 3.26 0.47
N PRO A 42 8.72 2.32 0.14
CA PRO A 42 8.38 0.91 0.02
C PRO A 42 7.81 0.35 1.33
N GLU A 43 8.14 1.00 2.44
CA GLU A 43 7.69 0.57 3.75
C GLU A 43 6.18 0.76 3.88
N LEU A 44 5.71 1.91 3.38
CA LEU A 44 4.28 2.22 3.41
C LEU A 44 3.52 1.27 2.50
N VAL A 45 4.11 0.95 1.35
CA VAL A 45 3.53 -0.01 0.44
C VAL A 45 3.43 -1.39 1.11
N GLU A 46 4.52 -1.77 1.76
CA GLU A 46 4.57 -3.02 2.50
C GLU A 46 3.49 -3.05 3.57
N GLN A 47 3.47 -2.02 4.41
CA GLN A 47 2.50 -1.90 5.48
C GLN A 47 1.08 -2.05 4.97
N ALA A 48 0.75 -1.34 3.90
CA ALA A 48 -0.58 -1.40 3.33
C ALA A 48 -0.91 -2.80 2.82
N ARG A 49 0.10 -3.49 2.30
CA ARG A 49 -0.11 -4.85 1.82
C ARG A 49 -0.38 -5.78 2.98
N LEU A 50 0.35 -5.58 4.08
CA LEU A 50 0.15 -6.38 5.27
C LEU A 50 -1.15 -6.02 5.98
N GLU A 51 -1.58 -4.76 5.81
CA GLU A 51 -2.90 -4.35 6.27
C GLU A 51 -3.95 -5.29 5.70
N PHE A 52 -3.93 -5.44 4.39
CA PHE A 52 -4.92 -6.27 3.71
C PHE A 52 -4.58 -7.74 3.83
N GLY A 53 -3.30 -8.02 4.06
CA GLY A 53 -2.87 -9.39 4.27
C GLY A 53 -3.42 -9.96 5.57
N GLN A 54 -3.48 -9.13 6.59
CA GLN A 54 -3.98 -9.56 7.89
C GLN A 54 -5.49 -9.33 8.01
N LEU A 55 -6.00 -8.33 7.31
CA LEU A 55 -7.45 -8.08 7.29
C LEU A 55 -8.15 -9.08 6.39
N GLU A 56 -7.96 -8.93 5.07
CA GLU A 56 -8.60 -9.78 4.08
C GLU A 56 -10.11 -9.79 4.32
N HIS A 57 -10.75 -10.92 4.07
CA HIS A 57 -12.18 -11.09 4.32
C HIS A 57 -12.99 -9.99 3.65
N HIS A 58 -12.87 -9.88 2.33
CA HIS A 58 -13.67 -8.93 1.57
C HIS A 58 -15.14 -9.29 1.71
N HIS A 59 -15.88 -8.46 2.43
CA HIS A 59 -17.27 -8.75 2.74
C HIS A 59 -18.22 -7.88 1.92
N HIS A 60 -18.95 -8.53 1.03
CA HIS A 60 -19.97 -7.89 0.22
C HIS A 60 -19.40 -6.73 -0.59
N HIS A 61 -18.15 -6.87 -1.02
CA HIS A 61 -17.54 -5.86 -1.89
C HIS A 61 -18.05 -6.06 -3.30
N HIS A 62 -18.37 -7.31 -3.60
CA HIS A 62 -19.00 -7.67 -4.86
C HIS A 62 -20.43 -8.15 -4.58
N MET A 1 -4.89 13.36 -6.79
CA MET A 1 -5.49 12.04 -7.11
C MET A 1 -4.50 10.91 -6.81
N ASN A 2 -3.22 11.25 -6.71
CA ASN A 2 -2.19 10.29 -6.38
C ASN A 2 -1.03 10.99 -5.69
N LEU A 3 -0.08 10.21 -5.20
CA LEU A 3 1.12 10.75 -4.60
C LEU A 3 2.34 10.34 -5.41
N ARG A 4 3.52 10.76 -4.97
CA ARG A 4 4.75 10.44 -5.68
C ARG A 4 5.32 9.12 -5.19
N TRP A 5 5.67 8.26 -6.13
CA TRP A 5 6.13 6.93 -5.78
C TRP A 5 7.63 6.78 -6.05
N THR A 6 8.35 6.26 -5.07
CA THR A 6 9.76 5.97 -5.22
C THR A 6 9.94 4.77 -6.14
N SER A 7 11.13 4.63 -6.72
CA SER A 7 11.43 3.52 -7.60
C SER A 7 11.19 2.20 -6.86
N GLU A 8 11.59 2.16 -5.61
CA GLU A 8 11.42 0.99 -4.76
C GLU A 8 9.93 0.71 -4.52
N ALA A 9 9.18 1.77 -4.21
CA ALA A 9 7.75 1.65 -3.94
C ALA A 9 7.02 1.10 -5.14
N LYS A 10 7.39 1.56 -6.33
CA LYS A 10 6.82 1.06 -7.57
C LYS A 10 6.99 -0.46 -7.67
N THR A 11 8.20 -0.94 -7.41
CA THR A 11 8.48 -2.38 -7.43
C THR A 11 7.63 -3.11 -6.38
N LYS A 12 7.54 -2.54 -5.19
CA LYS A 12 6.80 -3.14 -4.09
C LYS A 12 5.31 -3.17 -4.38
N LEU A 13 4.82 -2.16 -5.10
CA LEU A 13 3.41 -2.11 -5.49
C LEU A 13 3.09 -3.25 -6.43
N LYS A 14 4.05 -3.60 -7.28
CA LYS A 14 3.87 -4.69 -8.24
C LYS A 14 3.83 -6.05 -7.55
N ASN A 15 4.28 -6.10 -6.31
CA ASN A 15 4.28 -7.34 -5.54
C ASN A 15 2.91 -7.58 -4.93
N ILE A 16 2.09 -6.54 -4.92
CA ILE A 16 0.73 -6.63 -4.37
C ILE A 16 -0.20 -7.23 -5.42
N PRO A 17 -1.05 -8.19 -5.02
CA PRO A 17 -2.04 -8.78 -5.92
C PRO A 17 -2.91 -7.71 -6.58
N PHE A 18 -3.03 -7.79 -7.91
CA PHE A 18 -3.76 -6.78 -8.69
C PHE A 18 -5.16 -6.53 -8.13
N PHE A 19 -5.82 -7.60 -7.69
CA PHE A 19 -7.18 -7.50 -7.16
C PHE A 19 -7.26 -6.52 -6.00
N ALA A 20 -6.16 -6.37 -5.28
CA ALA A 20 -6.13 -5.51 -4.12
C ALA A 20 -5.14 -4.37 -4.29
N ARG A 21 -4.59 -4.21 -5.48
CA ARG A 21 -3.60 -3.16 -5.73
C ARG A 21 -4.21 -1.78 -5.60
N SER A 22 -5.38 -1.58 -6.21
CA SER A 22 -6.07 -0.31 -6.12
C SER A 22 -6.43 0.00 -4.67
N GLN A 23 -6.88 -1.03 -3.96
CA GLN A 23 -7.25 -0.91 -2.55
C GLN A 23 -6.03 -0.59 -1.70
N ALA A 24 -4.96 -1.36 -1.90
CA ALA A 24 -3.72 -1.16 -1.15
C ALA A 24 -3.14 0.21 -1.42
N LYS A 25 -3.05 0.57 -2.71
CA LYS A 25 -2.53 1.87 -3.11
C LYS A 25 -3.29 3.00 -2.43
N ALA A 26 -4.60 2.84 -2.33
CA ALA A 26 -5.44 3.82 -1.66
C ALA A 26 -4.96 4.05 -0.23
N ARG A 27 -4.68 2.96 0.48
CA ARG A 27 -4.20 3.07 1.85
C ARG A 27 -2.75 3.57 1.89
N ILE A 28 -1.92 3.08 0.97
CA ILE A 28 -0.51 3.47 0.92
C ILE A 28 -0.37 4.99 0.85
N GLU A 29 -1.12 5.60 -0.05
CA GLU A 29 -1.05 7.04 -0.23
C GLU A 29 -1.70 7.77 0.95
N GLN A 30 -2.68 7.14 1.59
CA GLN A 30 -3.27 7.70 2.81
C GLN A 30 -2.27 7.63 3.96
N LEU A 31 -1.50 6.56 4.02
CA LEU A 31 -0.46 6.39 5.05
C LEU A 31 0.58 7.48 4.90
N ALA A 32 0.90 7.83 3.66
CA ALA A 32 1.86 8.90 3.38
C ALA A 32 1.30 10.25 3.83
N ARG A 33 -0.02 10.41 3.72
CA ARG A 33 -0.69 11.61 4.22
C ARG A 33 -0.58 11.67 5.73
N GLN A 34 -0.61 10.51 6.36
CA GLN A 34 -0.48 10.40 7.81
C GLN A 34 0.91 10.87 8.24
N ALA A 35 1.89 10.58 7.40
CA ALA A 35 3.27 11.00 7.66
C ALA A 35 3.54 12.39 7.09
N GLU A 36 2.55 12.90 6.34
CA GLU A 36 2.61 14.24 5.74
C GLU A 36 3.72 14.35 4.69
N GLN A 37 4.03 13.24 4.05
CA GLN A 37 5.01 13.22 2.97
C GLN A 37 4.30 12.96 1.64
N ASP A 38 4.77 13.61 0.57
CA ASP A 38 4.14 13.47 -0.74
C ASP A 38 4.74 12.29 -1.48
N ILE A 39 5.81 11.76 -0.93
CA ILE A 39 6.53 10.66 -1.54
C ILE A 39 6.38 9.40 -0.70
N VAL A 40 5.94 8.32 -1.32
CA VAL A 40 5.73 7.07 -0.61
C VAL A 40 6.97 6.18 -0.69
N THR A 41 7.24 5.49 0.40
CA THR A 41 8.35 4.57 0.45
C THR A 41 7.85 3.14 0.37
N PRO A 42 8.73 2.18 -0.02
CA PRO A 42 8.35 0.77 -0.15
C PRO A 42 7.84 0.18 1.14
N GLU A 43 8.21 0.80 2.25
CA GLU A 43 7.77 0.39 3.58
C GLU A 43 6.27 0.56 3.71
N LEU A 44 5.79 1.75 3.38
CA LEU A 44 4.37 2.08 3.45
C LEU A 44 3.57 1.23 2.49
N VAL A 45 4.18 0.93 1.35
CA VAL A 45 3.55 0.09 0.34
C VAL A 45 3.25 -1.30 0.89
N GLU A 46 4.25 -1.92 1.49
CA GLU A 46 4.09 -3.26 2.02
C GLU A 46 3.29 -3.21 3.33
N GLN A 47 3.46 -2.14 4.09
CA GLN A 47 2.71 -1.93 5.33
C GLN A 47 1.21 -2.04 5.07
N ALA A 48 0.73 -1.32 4.07
CA ALA A 48 -0.68 -1.38 3.72
C ALA A 48 -1.04 -2.76 3.18
N ARG A 49 -0.08 -3.40 2.53
CA ARG A 49 -0.30 -4.71 1.94
C ARG A 49 -0.48 -5.75 3.03
N LEU A 50 0.28 -5.61 4.11
CA LEU A 50 0.17 -6.49 5.25
C LEU A 50 -1.15 -6.26 5.97
N GLU A 51 -1.52 -4.99 6.08
CA GLU A 51 -2.78 -4.62 6.71
C GLU A 51 -3.94 -5.31 6.01
N PHE A 52 -3.97 -5.23 4.68
CA PHE A 52 -5.04 -5.87 3.93
C PHE A 52 -4.89 -7.38 3.92
N GLY A 53 -3.69 -7.84 4.22
CA GLY A 53 -3.47 -9.27 4.39
C GLY A 53 -4.22 -9.80 5.60
N GLN A 54 -4.41 -8.93 6.58
CA GLN A 54 -5.18 -9.25 7.77
C GLN A 54 -6.63 -8.80 7.61
N LEU A 55 -6.81 -7.60 7.08
CA LEU A 55 -8.13 -6.98 6.95
C LEU A 55 -8.93 -7.53 5.79
N GLU A 56 -8.40 -8.56 5.13
CA GLU A 56 -9.14 -9.23 4.08
C GLU A 56 -10.31 -9.99 4.68
N HIS A 57 -11.43 -9.29 4.85
CA HIS A 57 -12.64 -9.89 5.39
C HIS A 57 -13.27 -10.82 4.38
N HIS A 58 -13.28 -12.10 4.72
CA HIS A 58 -13.82 -13.15 3.87
C HIS A 58 -13.08 -13.24 2.54
N HIS A 59 -13.67 -12.66 1.49
CA HIS A 59 -13.13 -12.76 0.12
C HIS A 59 -13.17 -14.20 -0.39
N HIS A 60 -12.37 -15.05 0.23
CA HIS A 60 -12.27 -16.45 -0.17
C HIS A 60 -13.45 -17.24 0.36
N HIS A 61 -14.14 -17.95 -0.53
CA HIS A 61 -15.23 -18.82 -0.11
C HIS A 61 -14.67 -20.18 0.25
N HIS A 62 -14.65 -20.48 1.54
CA HIS A 62 -14.08 -21.72 2.05
C HIS A 62 -12.60 -21.79 1.71
N MET A 1 -5.52 12.85 -6.62
CA MET A 1 -4.14 13.06 -7.13
C MET A 1 -3.24 11.93 -6.67
N ASN A 2 -2.22 11.64 -7.47
CA ASN A 2 -1.26 10.60 -7.13
C ASN A 2 -0.05 11.21 -6.44
N LEU A 3 0.51 10.48 -5.50
CA LEU A 3 1.69 10.96 -4.78
C LEU A 3 2.96 10.53 -5.52
N ARG A 4 4.10 10.94 -4.99
CA ARG A 4 5.38 10.60 -5.60
C ARG A 4 5.79 9.19 -5.19
N TRP A 5 5.71 8.27 -6.12
CA TRP A 5 6.09 6.89 -5.84
C TRP A 5 7.56 6.66 -6.15
N THR A 6 8.29 6.18 -5.15
CA THR A 6 9.69 5.83 -5.32
C THR A 6 9.80 4.57 -6.19
N SER A 7 10.98 4.34 -6.75
CA SER A 7 11.18 3.17 -7.60
C SER A 7 10.94 1.89 -6.79
N GLU A 8 11.35 1.92 -5.53
CA GLU A 8 11.14 0.80 -4.62
C GLU A 8 9.65 0.61 -4.37
N ALA A 9 8.94 1.71 -4.13
CA ALA A 9 7.51 1.67 -3.89
C ALA A 9 6.77 1.09 -5.10
N LYS A 10 7.13 1.56 -6.28
CA LYS A 10 6.57 1.04 -7.52
C LYS A 10 6.82 -0.47 -7.64
N THR A 11 8.02 -0.89 -7.26
CA THR A 11 8.37 -2.31 -7.27
C THR A 11 7.50 -3.08 -6.28
N LYS A 12 7.41 -2.57 -5.06
CA LYS A 12 6.61 -3.20 -4.01
C LYS A 12 5.13 -3.21 -4.36
N LEU A 13 4.67 -2.17 -5.02
CA LEU A 13 3.27 -2.09 -5.45
C LEU A 13 2.97 -3.20 -6.46
N LYS A 14 3.96 -3.56 -7.24
CA LYS A 14 3.83 -4.64 -8.21
C LYS A 14 3.89 -6.01 -7.52
N ASN A 15 4.13 -6.01 -6.22
CA ASN A 15 4.09 -7.25 -5.43
C ASN A 15 2.69 -7.46 -4.89
N ILE A 16 1.84 -6.45 -5.06
CA ILE A 16 0.47 -6.52 -4.60
C ILE A 16 -0.45 -6.92 -5.76
N PRO A 17 -1.24 -7.99 -5.58
CA PRO A 17 -2.19 -8.46 -6.60
C PRO A 17 -3.10 -7.34 -7.08
N PHE A 18 -3.26 -7.22 -8.40
CA PHE A 18 -4.00 -6.11 -9.00
C PHE A 18 -5.43 -6.01 -8.46
N PHE A 19 -5.98 -7.14 -8.03
CA PHE A 19 -7.32 -7.18 -7.46
C PHE A 19 -7.41 -6.31 -6.21
N ALA A 20 -6.34 -6.28 -5.44
CA ALA A 20 -6.30 -5.52 -4.20
C ALA A 20 -5.33 -4.35 -4.30
N ARG A 21 -4.61 -4.29 -5.41
CA ARG A 21 -3.58 -3.27 -5.61
C ARG A 21 -4.18 -1.87 -5.66
N SER A 22 -5.36 -1.75 -6.25
CA SER A 22 -6.07 -0.48 -6.31
C SER A 22 -6.45 -0.02 -4.90
N GLN A 23 -6.95 -0.96 -4.11
CA GLN A 23 -7.35 -0.70 -2.73
C GLN A 23 -6.12 -0.38 -1.90
N ALA A 24 -5.05 -1.16 -2.10
CA ALA A 24 -3.81 -0.96 -1.36
C ALA A 24 -3.19 0.39 -1.69
N LYS A 25 -3.17 0.75 -2.96
CA LYS A 25 -2.61 2.02 -3.39
C LYS A 25 -3.27 3.19 -2.65
N ALA A 26 -4.59 3.12 -2.54
CA ALA A 26 -5.35 4.13 -1.82
C ALA A 26 -4.88 4.22 -0.36
N ARG A 27 -4.64 3.05 0.23
CA ARG A 27 -4.17 2.98 1.61
C ARG A 27 -2.74 3.50 1.74
N ILE A 28 -1.88 3.06 0.83
CA ILE A 28 -0.47 3.46 0.82
C ILE A 28 -0.33 4.97 0.78
N GLU A 29 -1.00 5.59 -0.18
CA GLU A 29 -0.93 7.03 -0.34
C GLU A 29 -1.61 7.73 0.85
N GLN A 30 -2.65 7.10 1.40
CA GLN A 30 -3.30 7.63 2.60
C GLN A 30 -2.34 7.61 3.78
N LEU A 31 -1.59 6.52 3.91
CA LEU A 31 -0.58 6.39 4.94
C LEU A 31 0.47 7.48 4.80
N ALA A 32 0.82 7.79 3.55
CA ALA A 32 1.76 8.86 3.27
C ALA A 32 1.17 10.21 3.67
N ARG A 33 -0.11 10.40 3.39
CA ARG A 33 -0.83 11.61 3.81
C ARG A 33 -0.79 11.73 5.33
N GLN A 34 -0.97 10.59 5.99
CA GLN A 34 -0.95 10.54 7.46
C GLN A 34 0.45 10.89 7.98
N ALA A 35 1.47 10.40 7.29
CA ALA A 35 2.85 10.73 7.63
C ALA A 35 3.22 12.14 7.15
N GLU A 36 2.30 12.73 6.40
CA GLU A 36 2.42 14.11 5.91
C GLU A 36 3.56 14.23 4.90
N GLN A 37 3.89 13.12 4.24
CA GLN A 37 4.88 13.11 3.19
C GLN A 37 4.20 12.87 1.85
N ASP A 38 4.65 13.57 0.81
CA ASP A 38 4.02 13.46 -0.50
C ASP A 38 4.71 12.37 -1.32
N ILE A 39 5.70 11.76 -0.70
CA ILE A 39 6.43 10.67 -1.32
C ILE A 39 6.15 9.38 -0.57
N VAL A 40 5.87 8.31 -1.30
CA VAL A 40 5.61 7.04 -0.65
C VAL A 40 6.86 6.17 -0.67
N THR A 41 7.16 5.58 0.46
CA THR A 41 8.31 4.71 0.60
C THR A 41 7.88 3.24 0.53
N PRO A 42 8.80 2.35 0.12
CA PRO A 42 8.47 0.93 -0.11
C PRO A 42 7.92 0.21 1.12
N GLU A 43 8.34 0.64 2.30
CA GLU A 43 7.91 -0.02 3.54
C GLU A 43 6.49 0.38 3.91
N LEU A 44 6.04 1.55 3.45
CA LEU A 44 4.64 1.94 3.59
C LEU A 44 3.77 1.12 2.66
N VAL A 45 4.29 0.86 1.47
CA VAL A 45 3.63 -0.02 0.51
C VAL A 45 3.47 -1.43 1.09
N GLU A 46 4.54 -1.92 1.69
CA GLU A 46 4.54 -3.24 2.29
C GLU A 46 3.68 -3.24 3.56
N GLN A 47 3.72 -2.13 4.31
CA GLN A 47 2.86 -1.97 5.47
C GLN A 47 1.41 -2.19 5.07
N ALA A 48 0.98 -1.49 4.03
CA ALA A 48 -0.38 -1.62 3.52
C ALA A 48 -0.66 -3.05 3.06
N ARG A 49 0.37 -3.72 2.59
CA ARG A 49 0.25 -5.09 2.12
C ARG A 49 -0.06 -6.00 3.31
N LEU A 50 0.61 -5.74 4.41
CA LEU A 50 0.41 -6.49 5.65
C LEU A 50 -0.93 -6.11 6.30
N GLU A 51 -1.35 -4.88 6.09
CA GLU A 51 -2.66 -4.43 6.56
C GLU A 51 -3.76 -5.34 6.04
N PHE A 52 -3.76 -5.56 4.74
CA PHE A 52 -4.78 -6.39 4.10
C PHE A 52 -4.58 -7.86 4.41
N GLY A 53 -3.35 -8.23 4.76
CA GLY A 53 -3.09 -9.57 5.24
C GLY A 53 -3.84 -9.85 6.54
N GLN A 54 -4.02 -8.80 7.35
CA GLN A 54 -4.76 -8.90 8.59
C GLN A 54 -6.25 -8.65 8.36
N LEU A 55 -6.55 -7.81 7.37
CA LEU A 55 -7.92 -7.43 7.06
C LEU A 55 -8.62 -8.48 6.19
N GLU A 56 -7.89 -9.51 5.79
CA GLU A 56 -8.48 -10.58 5.00
C GLU A 56 -9.50 -11.36 5.82
N HIS A 57 -10.77 -11.06 5.58
CA HIS A 57 -11.86 -11.72 6.31
C HIS A 57 -12.54 -12.76 5.44
N HIS A 58 -12.06 -12.89 4.21
CA HIS A 58 -12.55 -13.92 3.30
C HIS A 58 -11.75 -15.19 3.57
N HIS A 59 -10.51 -14.99 3.97
CA HIS A 59 -9.69 -16.06 4.50
C HIS A 59 -9.64 -15.94 6.02
N HIS A 60 -10.57 -16.58 6.70
CA HIS A 60 -10.66 -16.48 8.15
C HIS A 60 -11.13 -17.79 8.78
N HIS A 61 -10.18 -18.57 9.28
CA HIS A 61 -10.48 -19.73 10.10
C HIS A 61 -9.24 -20.13 10.90
N HIS A 62 -9.44 -20.44 12.16
CA HIS A 62 -8.33 -20.81 13.02
C HIS A 62 -8.50 -22.25 13.50
N MET A 1 -3.31 14.52 -6.54
CA MET A 1 -4.21 13.39 -6.26
C MET A 1 -3.40 12.16 -5.89
N ASN A 2 -2.46 11.78 -6.75
CA ASN A 2 -1.54 10.70 -6.46
C ASN A 2 -0.27 11.27 -5.86
N LEU A 3 0.43 10.46 -5.09
CA LEU A 3 1.66 10.89 -4.46
C LEU A 3 2.87 10.48 -5.28
N ARG A 4 4.04 10.82 -4.77
CA ARG A 4 5.28 10.52 -5.44
C ARG A 4 5.83 9.19 -4.96
N TRP A 5 5.98 8.25 -5.86
CA TRP A 5 6.36 6.91 -5.50
C TRP A 5 7.82 6.65 -5.80
N THR A 6 8.51 6.03 -4.85
CA THR A 6 9.88 5.60 -5.07
C THR A 6 9.92 4.39 -5.99
N SER A 7 11.04 4.20 -6.68
CA SER A 7 11.18 3.09 -7.64
C SER A 7 10.91 1.75 -6.96
N GLU A 8 11.39 1.62 -5.72
CA GLU A 8 11.19 0.40 -4.95
C GLU A 8 9.73 0.26 -4.51
N ALA A 9 9.08 1.39 -4.24
CA ALA A 9 7.68 1.37 -3.85
C ALA A 9 6.81 0.95 -5.03
N LYS A 10 7.17 1.42 -6.22
CA LYS A 10 6.49 1.02 -7.44
C LYS A 10 6.60 -0.49 -7.62
N THR A 11 7.80 -1.01 -7.41
CA THR A 11 8.06 -2.44 -7.52
C THR A 11 7.22 -3.21 -6.50
N LYS A 12 7.19 -2.73 -5.27
CA LYS A 12 6.42 -3.35 -4.20
C LYS A 12 4.92 -3.30 -4.50
N LEU A 13 4.46 -2.19 -5.06
CA LEU A 13 3.06 -2.03 -5.42
C LEU A 13 2.66 -3.07 -6.47
N LYS A 14 3.52 -3.25 -7.46
CA LYS A 14 3.26 -4.21 -8.54
C LYS A 14 3.35 -5.64 -8.03
N ASN A 15 3.88 -5.81 -6.82
CA ASN A 15 3.99 -7.13 -6.21
C ASN A 15 2.65 -7.54 -5.63
N ILE A 16 1.80 -6.55 -5.40
CA ILE A 16 0.47 -6.77 -4.85
C ILE A 16 -0.51 -7.08 -5.98
N PRO A 17 -1.35 -8.12 -5.80
CA PRO A 17 -2.35 -8.52 -6.81
C PRO A 17 -3.23 -7.36 -7.23
N PHE A 18 -3.44 -7.23 -8.55
CA PHE A 18 -4.19 -6.10 -9.13
C PHE A 18 -5.51 -5.84 -8.40
N PHE A 19 -6.22 -6.93 -8.07
CA PHE A 19 -7.52 -6.83 -7.44
C PHE A 19 -7.44 -6.04 -6.12
N ALA A 20 -6.33 -6.15 -5.42
CA ALA A 20 -6.15 -5.47 -4.15
C ALA A 20 -5.09 -4.38 -4.25
N ARG A 21 -4.51 -4.23 -5.43
CA ARG A 21 -3.41 -3.29 -5.64
C ARG A 21 -3.91 -1.86 -5.55
N SER A 22 -5.02 -1.56 -6.22
CA SER A 22 -5.60 -0.23 -6.17
C SER A 22 -6.06 0.09 -4.75
N GLN A 23 -6.58 -0.91 -4.07
CA GLN A 23 -7.06 -0.78 -2.70
C GLN A 23 -5.89 -0.51 -1.75
N ALA A 24 -4.83 -1.30 -1.89
CA ALA A 24 -3.63 -1.11 -1.08
C ALA A 24 -3.00 0.25 -1.39
N LYS A 25 -2.95 0.60 -2.67
CA LYS A 25 -2.41 1.89 -3.10
C LYS A 25 -3.14 3.04 -2.41
N ALA A 26 -4.46 2.91 -2.32
CA ALA A 26 -5.27 3.91 -1.64
C ALA A 26 -4.84 4.06 -0.19
N ARG A 27 -4.50 2.93 0.44
CA ARG A 27 -4.02 2.96 1.82
C ARG A 27 -2.58 3.44 1.90
N ILE A 28 -1.78 3.12 0.90
CA ILE A 28 -0.37 3.55 0.87
C ILE A 28 -0.28 5.07 0.81
N GLU A 29 -0.99 5.66 -0.14
CA GLU A 29 -1.01 7.10 -0.29
C GLU A 29 -1.72 7.74 0.91
N GLN A 30 -2.61 6.96 1.52
CA GLN A 30 -3.27 7.36 2.77
C GLN A 30 -2.24 7.48 3.89
N LEU A 31 -1.39 6.46 4.02
CA LEU A 31 -0.36 6.42 5.05
C LEU A 31 0.61 7.58 4.90
N ALA A 32 0.94 7.93 3.67
CA ALA A 32 1.87 9.01 3.40
C ALA A 32 1.23 10.38 3.63
N ARG A 33 -0.03 10.51 3.24
CA ARG A 33 -0.78 11.75 3.48
C ARG A 33 -1.09 11.88 4.96
N GLN A 34 -1.05 10.76 5.67
CA GLN A 34 -1.19 10.73 7.13
C GLN A 34 0.10 11.25 7.77
N ALA A 35 1.22 10.99 7.10
CA ALA A 35 2.52 11.47 7.54
C ALA A 35 2.77 12.87 6.99
N GLU A 36 1.87 13.32 6.13
CA GLU A 36 1.90 14.66 5.56
C GLU A 36 3.16 14.87 4.71
N GLN A 37 3.37 13.96 3.77
CA GLN A 37 4.51 14.03 2.87
C GLN A 37 4.08 13.68 1.44
N ASP A 38 4.96 13.91 0.48
CA ASP A 38 4.63 13.67 -0.93
C ASP A 38 5.09 12.31 -1.38
N ILE A 39 6.15 11.82 -0.77
CA ILE A 39 6.81 10.62 -1.22
C ILE A 39 6.43 9.41 -0.37
N VAL A 40 6.21 8.28 -1.02
CA VAL A 40 5.91 7.04 -0.31
C VAL A 40 7.12 6.11 -0.36
N THR A 41 7.37 5.41 0.73
CA THR A 41 8.46 4.47 0.80
C THR A 41 7.94 3.04 0.70
N PRO A 42 8.79 2.10 0.25
CA PRO A 42 8.42 0.68 0.16
C PRO A 42 7.84 0.12 1.45
N GLU A 43 8.28 0.68 2.58
CA GLU A 43 7.77 0.26 3.89
C GLU A 43 6.27 0.51 4.00
N LEU A 44 5.83 1.67 3.54
CA LEU A 44 4.41 2.02 3.57
C LEU A 44 3.62 1.13 2.62
N VAL A 45 4.23 0.79 1.48
CA VAL A 45 3.62 -0.14 0.55
C VAL A 45 3.47 -1.51 1.20
N GLU A 46 4.53 -1.94 1.86
CA GLU A 46 4.53 -3.20 2.59
C GLU A 46 3.45 -3.18 3.66
N GLN A 47 3.39 -2.07 4.41
CA GLN A 47 2.41 -1.90 5.47
C GLN A 47 0.99 -2.10 4.96
N ALA A 48 0.70 -1.59 3.78
CA ALA A 48 -0.62 -1.74 3.20
C ALA A 48 -0.93 -3.21 2.92
N ARG A 49 0.08 -3.94 2.47
CA ARG A 49 -0.08 -5.35 2.19
C ARG A 49 -0.17 -6.13 3.51
N LEU A 50 0.56 -5.65 4.50
CA LEU A 50 0.54 -6.23 5.84
C LEU A 50 -0.87 -6.14 6.41
N GLU A 51 -1.48 -4.96 6.27
CA GLU A 51 -2.84 -4.72 6.74
C GLU A 51 -3.83 -5.70 6.11
N PHE A 52 -3.72 -5.88 4.80
CA PHE A 52 -4.63 -6.79 4.09
C PHE A 52 -4.18 -8.25 4.24
N GLY A 53 -2.97 -8.43 4.78
CA GLY A 53 -2.55 -9.75 5.21
C GLY A 53 -3.29 -10.15 6.48
N GLN A 54 -3.63 -9.13 7.26
CA GLN A 54 -4.44 -9.32 8.47
C GLN A 54 -5.91 -9.17 8.13
N LEU A 55 -6.19 -8.65 6.93
CA LEU A 55 -7.55 -8.36 6.47
C LEU A 55 -8.17 -7.28 7.35
N GLU A 56 -7.42 -6.19 7.53
CA GLU A 56 -7.86 -5.06 8.34
C GLU A 56 -7.91 -5.43 9.81
N HIS A 57 -7.10 -4.76 10.61
CA HIS A 57 -7.03 -5.02 12.05
C HIS A 57 -8.20 -4.33 12.75
N HIS A 58 -9.00 -3.62 11.96
CA HIS A 58 -10.23 -2.94 12.42
C HIS A 58 -9.89 -1.68 13.20
N HIS A 59 -8.94 -1.79 14.11
CA HIS A 59 -8.42 -0.64 14.84
C HIS A 59 -6.94 -0.51 14.59
N HIS A 60 -6.49 0.70 14.30
CA HIS A 60 -5.07 0.94 14.06
C HIS A 60 -4.72 2.36 14.49
N HIS A 61 -5.07 2.67 15.74
CA HIS A 61 -4.78 3.98 16.32
C HIS A 61 -4.97 3.89 17.82
N HIS A 62 -6.12 3.37 18.22
CA HIS A 62 -6.41 3.09 19.62
C HIS A 62 -6.34 1.59 19.86
N MET A 1 -5.38 10.22 -6.23
CA MET A 1 -4.21 11.08 -6.50
C MET A 1 -3.05 10.25 -7.01
N ASN A 2 -1.96 10.93 -7.37
CA ASN A 2 -0.72 10.27 -7.71
C ASN A 2 0.44 10.94 -6.98
N LEU A 3 0.81 10.37 -5.85
CA LEU A 3 1.88 10.93 -5.04
C LEU A 3 3.25 10.53 -5.60
N ARG A 4 4.30 10.94 -4.92
CA ARG A 4 5.64 10.62 -5.35
C ARG A 4 6.01 9.22 -4.91
N TRP A 5 6.07 8.33 -5.86
CA TRP A 5 6.38 6.93 -5.60
C TRP A 5 7.84 6.65 -5.90
N THR A 6 8.52 6.03 -4.95
CA THR A 6 9.89 5.64 -5.18
C THR A 6 9.91 4.37 -6.03
N SER A 7 11.01 4.09 -6.69
CA SER A 7 11.10 2.89 -7.51
C SER A 7 10.89 1.64 -6.66
N GLU A 8 11.39 1.71 -5.42
CA GLU A 8 11.21 0.62 -4.47
C GLU A 8 9.72 0.44 -4.18
N ALA A 9 9.04 1.55 -3.94
CA ALA A 9 7.62 1.54 -3.65
C ALA A 9 6.81 1.02 -4.83
N LYS A 10 7.12 1.53 -6.02
CA LYS A 10 6.48 1.07 -7.25
C LYS A 10 6.66 -0.43 -7.45
N THR A 11 7.85 -0.92 -7.12
CA THR A 11 8.14 -2.35 -7.23
C THR A 11 7.31 -3.14 -6.21
N LYS A 12 7.18 -2.60 -5.00
CA LYS A 12 6.37 -3.23 -3.96
C LYS A 12 4.91 -3.31 -4.39
N LEU A 13 4.44 -2.25 -5.03
CA LEU A 13 3.06 -2.17 -5.51
C LEU A 13 2.78 -3.26 -6.54
N LYS A 14 3.77 -3.53 -7.38
CA LYS A 14 3.66 -4.55 -8.41
C LYS A 14 3.51 -5.93 -7.81
N ASN A 15 4.04 -6.10 -6.60
CA ASN A 15 4.00 -7.39 -5.90
C ASN A 15 2.67 -7.59 -5.19
N ILE A 16 1.85 -6.55 -5.19
CA ILE A 16 0.50 -6.63 -4.65
C ILE A 16 -0.44 -7.18 -5.73
N PRO A 17 -1.28 -8.17 -5.37
CA PRO A 17 -2.25 -8.77 -6.30
C PRO A 17 -3.21 -7.73 -6.89
N PHE A 18 -3.64 -7.98 -8.13
CA PHE A 18 -4.52 -7.07 -8.86
C PHE A 18 -5.79 -6.76 -8.07
N PHE A 19 -6.27 -7.76 -7.34
CA PHE A 19 -7.52 -7.63 -6.59
C PHE A 19 -7.42 -6.57 -5.50
N ALA A 20 -6.20 -6.22 -5.11
CA ALA A 20 -5.98 -5.22 -4.08
C ALA A 20 -5.09 -4.09 -4.58
N ARG A 21 -4.82 -4.08 -5.88
CA ARG A 21 -3.91 -3.11 -6.50
C ARG A 21 -4.39 -1.67 -6.29
N SER A 22 -5.67 -1.43 -6.55
CA SER A 22 -6.22 -0.09 -6.41
C SER A 22 -6.47 0.23 -4.94
N GLN A 23 -6.98 -0.77 -4.21
CA GLN A 23 -7.26 -0.62 -2.79
C GLN A 23 -5.99 -0.26 -2.01
N ALA A 24 -4.91 -0.97 -2.31
CA ALA A 24 -3.64 -0.74 -1.63
C ALA A 24 -3.07 0.62 -1.98
N LYS A 25 -3.08 0.97 -3.26
CA LYS A 25 -2.55 2.26 -3.71
C LYS A 25 -3.25 3.39 -2.98
N ALA A 26 -4.57 3.32 -2.91
CA ALA A 26 -5.36 4.31 -2.20
C ALA A 26 -4.94 4.39 -0.73
N ARG A 27 -4.73 3.22 -0.14
CA ARG A 27 -4.32 3.12 1.25
C ARG A 27 -2.93 3.73 1.45
N ILE A 28 -1.99 3.30 0.63
CA ILE A 28 -0.59 3.71 0.74
C ILE A 28 -0.46 5.23 0.67
N GLU A 29 -1.06 5.83 -0.36
CA GLU A 29 -0.94 7.26 -0.57
C GLU A 29 -1.61 8.04 0.57
N GLN A 30 -2.67 7.49 1.13
CA GLN A 30 -3.30 8.10 2.29
C GLN A 30 -2.43 7.93 3.54
N LEU A 31 -1.75 6.79 3.63
CA LEU A 31 -0.82 6.55 4.73
C LEU A 31 0.32 7.57 4.68
N ALA A 32 0.67 8.00 3.47
CA ALA A 32 1.69 9.03 3.29
C ALA A 32 1.19 10.37 3.80
N ARG A 33 -0.08 10.67 3.55
CA ARG A 33 -0.69 11.89 4.03
C ARG A 33 -0.74 11.89 5.56
N GLN A 34 -0.97 10.72 6.13
CA GLN A 34 -0.94 10.55 7.59
C GLN A 34 0.49 10.74 8.10
N ALA A 35 1.45 10.45 7.24
CA ALA A 35 2.86 10.58 7.58
C ALA A 35 3.39 11.97 7.22
N GLU A 36 2.52 12.79 6.64
CA GLU A 36 2.82 14.20 6.35
C GLU A 36 3.82 14.34 5.22
N GLN A 37 3.90 13.33 4.37
CA GLN A 37 4.84 13.33 3.26
C GLN A 37 4.12 13.06 1.94
N ASP A 38 4.68 13.57 0.85
CA ASP A 38 4.07 13.36 -0.46
C ASP A 38 4.79 12.23 -1.19
N ILE A 39 5.77 11.67 -0.52
CA ILE A 39 6.53 10.56 -1.06
C ILE A 39 6.16 9.28 -0.32
N VAL A 40 5.88 8.23 -1.05
CA VAL A 40 5.57 6.96 -0.42
C VAL A 40 6.81 6.07 -0.42
N THR A 41 7.09 5.49 0.72
CA THR A 41 8.22 4.60 0.86
C THR A 41 7.77 3.16 0.65
N PRO A 42 8.70 2.26 0.33
CA PRO A 42 8.37 0.83 0.20
C PRO A 42 7.79 0.29 1.50
N GLU A 43 8.15 0.95 2.59
CA GLU A 43 7.61 0.63 3.91
C GLU A 43 6.09 0.75 3.90
N LEU A 44 5.59 1.92 3.48
CA LEU A 44 4.15 2.17 3.46
C LEU A 44 3.43 1.22 2.51
N VAL A 45 4.03 0.99 1.34
CA VAL A 45 3.44 0.10 0.35
C VAL A 45 3.31 -1.31 0.91
N GLU A 46 4.37 -1.81 1.51
CA GLU A 46 4.37 -3.15 2.06
C GLU A 46 3.51 -3.19 3.33
N GLN A 47 3.50 -2.10 4.09
CA GLN A 47 2.68 -2.01 5.29
C GLN A 47 1.21 -2.21 4.93
N ALA A 48 0.76 -1.49 3.89
CA ALA A 48 -0.62 -1.63 3.43
C ALA A 48 -0.89 -3.06 2.96
N ARG A 49 0.15 -3.69 2.43
CA ARG A 49 0.09 -5.05 1.95
C ARG A 49 0.06 -6.00 3.15
N LEU A 50 0.62 -5.53 4.25
CA LEU A 50 0.75 -6.30 5.46
C LEU A 50 -0.57 -6.29 6.24
N GLU A 51 -1.14 -5.12 6.41
CA GLU A 51 -2.38 -4.99 7.15
C GLU A 51 -3.52 -5.70 6.41
N PHE A 52 -3.50 -5.66 5.08
CA PHE A 52 -4.48 -6.40 4.29
C PHE A 52 -4.22 -7.90 4.41
N GLY A 53 -2.96 -8.26 4.54
CA GLY A 53 -2.59 -9.64 4.79
C GLY A 53 -3.10 -10.12 6.14
N GLN A 54 -3.01 -9.26 7.14
CA GLN A 54 -3.47 -9.57 8.49
C GLN A 54 -5.00 -9.68 8.53
N LEU A 55 -5.66 -8.90 7.68
CA LEU A 55 -7.12 -8.96 7.57
C LEU A 55 -7.55 -10.28 6.94
N GLU A 56 -6.75 -10.76 6.00
CA GLU A 56 -6.99 -12.03 5.31
C GLU A 56 -8.31 -11.97 4.55
N HIS A 57 -8.25 -11.37 3.34
CA HIS A 57 -9.42 -11.16 2.49
C HIS A 57 -10.39 -10.17 3.15
N HIS A 58 -11.49 -9.86 2.46
CA HIS A 58 -12.45 -8.91 3.00
C HIS A 58 -13.82 -9.08 2.36
N HIS A 59 -14.59 -10.01 2.88
CA HIS A 59 -15.97 -10.20 2.44
C HIS A 59 -16.73 -11.09 3.44
N HIS A 60 -16.02 -12.00 4.09
CA HIS A 60 -16.63 -12.86 5.10
C HIS A 60 -16.98 -12.08 6.37
N HIS A 61 -16.51 -10.83 6.45
CA HIS A 61 -16.90 -9.90 7.51
C HIS A 61 -16.32 -10.29 8.88
N HIS A 62 -16.16 -9.31 9.75
CA HIS A 62 -15.83 -9.56 11.14
C HIS A 62 -16.60 -8.59 12.03
N MET A 1 -4.59 13.05 -6.45
CA MET A 1 -4.36 12.28 -5.21
C MET A 1 -3.19 11.30 -5.37
N ASN A 2 -2.63 11.26 -6.59
CA ASN A 2 -1.50 10.37 -6.86
C ASN A 2 -0.21 11.01 -6.38
N LEU A 3 0.41 10.39 -5.40
CA LEU A 3 1.61 10.93 -4.78
C LEU A 3 2.87 10.48 -5.50
N ARG A 4 4.02 10.93 -5.03
CA ARG A 4 5.28 10.52 -5.63
C ARG A 4 5.73 9.16 -5.10
N TRP A 5 5.79 8.20 -5.99
CA TRP A 5 6.18 6.85 -5.64
C TRP A 5 7.65 6.61 -5.96
N THR A 6 8.39 6.14 -4.97
CA THR A 6 9.79 5.81 -5.19
C THR A 6 9.91 4.60 -6.10
N SER A 7 11.06 4.44 -6.74
CA SER A 7 11.28 3.34 -7.67
C SER A 7 11.05 1.99 -6.99
N GLU A 8 11.46 1.91 -5.73
CA GLU A 8 11.28 0.69 -4.94
C GLU A 8 9.80 0.48 -4.61
N ALA A 9 9.11 1.57 -4.28
CA ALA A 9 7.69 1.50 -3.94
C ALA A 9 6.88 1.02 -5.13
N LYS A 10 7.24 1.50 -6.32
CA LYS A 10 6.57 1.09 -7.55
C LYS A 10 6.70 -0.42 -7.74
N THR A 11 7.90 -0.94 -7.54
CA THR A 11 8.15 -2.37 -7.68
C THR A 11 7.38 -3.16 -6.61
N LYS A 12 7.43 -2.68 -5.38
CA LYS A 12 6.74 -3.34 -4.27
C LYS A 12 5.22 -3.35 -4.50
N LEU A 13 4.71 -2.28 -5.09
CA LEU A 13 3.28 -2.17 -5.38
C LEU A 13 2.86 -3.23 -6.39
N LYS A 14 3.72 -3.50 -7.36
CA LYS A 14 3.45 -4.51 -8.39
C LYS A 14 3.36 -5.90 -7.78
N ASN A 15 3.99 -6.09 -6.62
CA ASN A 15 3.97 -7.37 -5.92
C ASN A 15 2.60 -7.65 -5.34
N ILE A 16 1.85 -6.58 -5.08
CA ILE A 16 0.52 -6.69 -4.52
C ILE A 16 -0.47 -7.16 -5.60
N PRO A 17 -1.28 -8.19 -5.28
CA PRO A 17 -2.29 -8.71 -6.20
C PRO A 17 -3.20 -7.60 -6.74
N PHE A 18 -3.43 -7.63 -8.05
CA PHE A 18 -4.21 -6.60 -8.73
C PHE A 18 -5.55 -6.35 -8.04
N PHE A 19 -6.17 -7.43 -7.57
CA PHE A 19 -7.46 -7.35 -6.88
C PHE A 19 -7.42 -6.41 -5.68
N ALA A 20 -6.23 -6.28 -5.08
CA ALA A 20 -6.08 -5.46 -3.88
C ALA A 20 -5.15 -4.28 -4.12
N ARG A 21 -4.38 -4.32 -5.21
CA ARG A 21 -3.36 -3.30 -5.47
C ARG A 21 -3.95 -1.89 -5.54
N SER A 22 -5.05 -1.73 -6.27
CA SER A 22 -5.71 -0.45 -6.41
C SER A 22 -6.17 0.07 -5.04
N GLN A 23 -6.76 -0.81 -4.26
CA GLN A 23 -7.24 -0.48 -2.92
C GLN A 23 -6.06 -0.22 -1.97
N ALA A 24 -5.00 -1.00 -2.14
CA ALA A 24 -3.80 -0.85 -1.34
C ALA A 24 -3.11 0.47 -1.64
N LYS A 25 -3.11 0.85 -2.92
CA LYS A 25 -2.54 2.12 -3.33
C LYS A 25 -3.20 3.27 -2.59
N ALA A 26 -4.53 3.27 -2.58
CA ALA A 26 -5.30 4.27 -1.86
C ALA A 26 -4.95 4.28 -0.38
N ARG A 27 -4.62 3.11 0.16
CA ARG A 27 -4.21 2.98 1.55
C ARG A 27 -2.80 3.56 1.74
N ILE A 28 -1.88 3.16 0.87
CA ILE A 28 -0.49 3.61 0.95
C ILE A 28 -0.39 5.14 0.84
N GLU A 29 -1.08 5.70 -0.13
CA GLU A 29 -1.05 7.14 -0.35
C GLU A 29 -1.77 7.87 0.78
N GLN A 30 -2.75 7.20 1.41
CA GLN A 30 -3.40 7.75 2.59
C GLN A 30 -2.45 7.69 3.78
N LEU A 31 -1.63 6.65 3.82
CA LEU A 31 -0.61 6.50 4.86
C LEU A 31 0.41 7.62 4.74
N ALA A 32 0.77 7.98 3.51
CA ALA A 32 1.66 9.10 3.27
C ALA A 32 1.00 10.41 3.68
N ARG A 33 -0.29 10.54 3.38
CA ARG A 33 -1.07 11.69 3.84
C ARG A 33 -1.02 11.82 5.36
N GLN A 34 -1.14 10.68 6.04
CA GLN A 34 -1.11 10.64 7.49
C GLN A 34 0.30 11.00 8.00
N ALA A 35 1.30 10.52 7.29
CA ALA A 35 2.69 10.82 7.62
C ALA A 35 3.03 12.26 7.22
N GLU A 36 2.12 12.87 6.45
CA GLU A 36 2.24 14.26 6.01
C GLU A 36 3.38 14.44 5.01
N GLN A 37 3.64 13.40 4.24
CA GLN A 37 4.66 13.46 3.20
C GLN A 37 4.05 13.06 1.86
N ASP A 38 4.73 13.40 0.77
CA ASP A 38 4.22 13.13 -0.56
C ASP A 38 4.90 11.91 -1.16
N ILE A 39 6.12 11.66 -0.70
CA ILE A 39 6.92 10.57 -1.22
C ILE A 39 6.68 9.31 -0.42
N VAL A 40 6.21 8.26 -1.09
CA VAL A 40 5.97 6.98 -0.43
C VAL A 40 7.18 6.08 -0.55
N THR A 41 7.52 5.43 0.55
CA THR A 41 8.59 4.47 0.57
C THR A 41 8.03 3.06 0.47
N PRO A 42 8.84 2.07 0.06
CA PRO A 42 8.40 0.68 -0.02
C PRO A 42 7.94 0.16 1.35
N GLU A 43 8.42 0.83 2.39
CA GLU A 43 8.04 0.53 3.76
C GLU A 43 6.53 0.69 3.94
N LEU A 44 6.00 1.83 3.51
CA LEU A 44 4.57 2.11 3.59
C LEU A 44 3.79 1.18 2.67
N VAL A 45 4.40 0.86 1.52
CA VAL A 45 3.79 -0.05 0.56
C VAL A 45 3.53 -1.41 1.19
N GLU A 46 4.58 -2.00 1.75
CA GLU A 46 4.47 -3.30 2.39
C GLU A 46 3.55 -3.22 3.60
N GLN A 47 3.64 -2.12 4.33
CA GLN A 47 2.85 -1.91 5.54
C GLN A 47 1.36 -2.06 5.24
N ALA A 48 0.88 -1.34 4.23
CA ALA A 48 -0.52 -1.43 3.83
C ALA A 48 -0.84 -2.82 3.32
N ARG A 49 0.14 -3.45 2.71
CA ARG A 49 -0.02 -4.79 2.16
C ARG A 49 -0.21 -5.78 3.31
N LEU A 50 0.47 -5.50 4.41
CA LEU A 50 0.37 -6.30 5.61
C LEU A 50 -1.04 -6.22 6.19
N GLU A 51 -1.58 -5.02 6.25
CA GLU A 51 -2.92 -4.79 6.79
C GLU A 51 -3.96 -5.59 6.00
N PHE A 52 -3.91 -5.48 4.68
CA PHE A 52 -4.85 -6.20 3.83
C PHE A 52 -4.58 -7.70 3.87
N GLY A 53 -3.41 -8.07 4.33
CA GLY A 53 -3.06 -9.48 4.50
C GLY A 53 -3.59 -10.04 5.80
N GLN A 54 -3.84 -9.17 6.77
CA GLN A 54 -4.34 -9.60 8.07
C GLN A 54 -5.86 -9.58 8.10
N LEU A 55 -6.44 -8.61 7.39
CA LEU A 55 -7.89 -8.49 7.31
C LEU A 55 -8.51 -9.76 6.74
N GLU A 56 -8.26 -9.98 5.46
CA GLU A 56 -8.72 -11.18 4.77
C GLU A 56 -7.57 -11.74 3.95
N HIS A 57 -7.91 -12.60 2.99
CA HIS A 57 -6.95 -13.10 2.00
C HIS A 57 -5.91 -14.01 2.63
N HIS A 58 -6.14 -15.31 2.51
CA HIS A 58 -5.18 -16.33 2.94
C HIS A 58 -5.12 -16.47 4.46
N HIS A 59 -4.51 -15.47 5.11
CA HIS A 59 -4.15 -15.52 6.54
C HIS A 59 -3.62 -16.91 6.90
N HIS A 60 -2.70 -17.38 6.07
CA HIS A 60 -2.14 -18.71 6.18
C HIS A 60 -0.67 -18.67 5.81
N HIS A 61 0.18 -19.25 6.65
CA HIS A 61 1.62 -19.27 6.39
C HIS A 61 1.96 -20.44 5.48
N HIS A 62 3.23 -20.59 5.18
CA HIS A 62 3.69 -21.73 4.40
C HIS A 62 4.31 -22.75 5.34
N MET A 1 -2.84 15.24 -7.27
CA MET A 1 -3.42 13.88 -7.22
C MET A 1 -2.34 12.85 -7.51
N ASN A 2 -2.38 11.75 -6.75
CA ASN A 2 -1.31 10.74 -6.74
C ASN A 2 -0.07 11.30 -6.06
N LEU A 3 0.59 10.49 -5.25
CA LEU A 3 1.79 10.92 -4.56
C LEU A 3 3.02 10.47 -5.32
N ARG A 4 4.18 10.85 -4.82
CA ARG A 4 5.44 10.47 -5.42
C ARG A 4 5.84 9.07 -4.98
N TRP A 5 5.90 8.16 -5.93
CA TRP A 5 6.29 6.80 -5.66
C TRP A 5 7.76 6.60 -5.99
N THR A 6 8.49 6.04 -5.05
CA THR A 6 9.90 5.76 -5.27
C THR A 6 10.04 4.52 -6.16
N SER A 7 11.23 4.31 -6.70
CA SER A 7 11.45 3.19 -7.61
C SER A 7 11.12 1.85 -6.93
N GLU A 8 11.51 1.75 -5.67
CA GLU A 8 11.24 0.55 -4.88
C GLU A 8 9.75 0.44 -4.56
N ALA A 9 9.12 1.57 -4.28
CA ALA A 9 7.69 1.60 -3.98
C ALA A 9 6.88 1.14 -5.18
N LYS A 10 7.27 1.60 -6.37
CA LYS A 10 6.62 1.18 -7.60
C LYS A 10 6.67 -0.33 -7.75
N THR A 11 7.85 -0.89 -7.49
CA THR A 11 8.04 -2.34 -7.55
C THR A 11 7.20 -3.06 -6.49
N LYS A 12 7.18 -2.51 -5.28
CA LYS A 12 6.40 -3.08 -4.19
C LYS A 12 4.91 -3.10 -4.52
N LEU A 13 4.42 -2.02 -5.12
CA LEU A 13 3.01 -1.94 -5.50
C LEU A 13 2.66 -3.03 -6.50
N LYS A 14 3.59 -3.30 -7.42
CA LYS A 14 3.37 -4.32 -8.45
C LYS A 14 3.48 -5.73 -7.87
N ASN A 15 3.90 -5.84 -6.62
CA ASN A 15 3.97 -7.13 -5.94
C ASN A 15 2.66 -7.44 -5.24
N ILE A 16 1.80 -6.45 -5.15
CA ILE A 16 0.49 -6.61 -4.54
C ILE A 16 -0.48 -7.20 -5.56
N PRO A 17 -1.25 -8.23 -5.17
CA PRO A 17 -2.23 -8.87 -6.06
C PRO A 17 -3.19 -7.84 -6.67
N PHE A 18 -3.45 -7.98 -7.97
CA PHE A 18 -4.27 -7.03 -8.72
C PHE A 18 -5.59 -6.74 -8.04
N PHE A 19 -6.19 -7.78 -7.47
CA PHE A 19 -7.50 -7.67 -6.84
C PHE A 19 -7.50 -6.69 -5.67
N ALA A 20 -6.33 -6.49 -5.08
CA ALA A 20 -6.22 -5.62 -3.91
C ALA A 20 -5.19 -4.52 -4.12
N ARG A 21 -4.58 -4.48 -5.30
CA ARG A 21 -3.50 -3.54 -5.58
C ARG A 21 -4.01 -2.11 -5.61
N SER A 22 -5.12 -1.89 -6.29
CA SER A 22 -5.74 -0.57 -6.36
C SER A 22 -6.15 -0.11 -4.96
N GLN A 23 -6.67 -1.06 -4.18
CA GLN A 23 -7.13 -0.79 -2.83
C GLN A 23 -5.94 -0.44 -1.94
N ALA A 24 -4.89 -1.24 -2.03
CA ALA A 24 -3.68 -1.02 -1.24
C ALA A 24 -3.03 0.31 -1.57
N LYS A 25 -2.95 0.62 -2.87
CA LYS A 25 -2.37 1.88 -3.33
C LYS A 25 -3.05 3.06 -2.67
N ALA A 26 -4.38 3.02 -2.59
CA ALA A 26 -5.13 4.08 -1.94
C ALA A 26 -4.73 4.22 -0.48
N ARG A 27 -4.52 3.08 0.18
CA ARG A 27 -4.11 3.06 1.58
C ARG A 27 -2.67 3.57 1.72
N ILE A 28 -1.80 3.15 0.80
CA ILE A 28 -0.39 3.56 0.82
C ILE A 28 -0.27 5.09 0.79
N GLU A 29 -0.92 5.69 -0.18
CA GLU A 29 -0.86 7.13 -0.35
C GLU A 29 -1.61 7.83 0.79
N GLN A 30 -2.55 7.10 1.41
CA GLN A 30 -3.23 7.61 2.60
C GLN A 30 -2.26 7.63 3.78
N LEU A 31 -1.52 6.54 3.93
CA LEU A 31 -0.53 6.42 5.01
C LEU A 31 0.51 7.52 4.91
N ALA A 32 0.93 7.84 3.69
CA ALA A 32 1.89 8.91 3.47
C ALA A 32 1.31 10.26 3.89
N ARG A 33 0.04 10.48 3.59
CA ARG A 33 -0.64 11.69 3.99
C ARG A 33 -0.78 11.78 5.51
N GLN A 34 -0.81 10.63 6.17
CA GLN A 34 -0.78 10.60 7.63
C GLN A 34 0.56 11.09 8.16
N ALA A 35 1.62 10.76 7.42
CA ALA A 35 2.96 11.17 7.77
C ALA A 35 3.25 12.58 7.23
N GLU A 36 2.30 13.11 6.46
CA GLU A 36 2.38 14.47 5.93
C GLU A 36 3.47 14.58 4.88
N GLN A 37 3.67 13.49 4.14
CA GLN A 37 4.65 13.47 3.08
C GLN A 37 3.97 13.12 1.75
N ASP A 38 4.43 13.72 0.67
CA ASP A 38 3.84 13.47 -0.64
C ASP A 38 4.65 12.42 -1.38
N ILE A 39 5.53 11.74 -0.66
CA ILE A 39 6.35 10.68 -1.21
C ILE A 39 6.11 9.40 -0.43
N VAL A 40 5.93 8.29 -1.13
CA VAL A 40 5.74 7.01 -0.47
C VAL A 40 6.99 6.16 -0.58
N THR A 41 7.28 5.44 0.48
CA THR A 41 8.40 4.52 0.49
C THR A 41 7.89 3.09 0.43
N PRO A 42 8.76 2.12 0.08
CA PRO A 42 8.39 0.71 0.05
C PRO A 42 7.92 0.23 1.43
N GLU A 43 8.39 0.93 2.45
CA GLU A 43 8.00 0.68 3.83
C GLU A 43 6.49 0.80 4.00
N LEU A 44 5.94 1.89 3.49
CA LEU A 44 4.50 2.15 3.60
C LEU A 44 3.72 1.18 2.73
N VAL A 45 4.25 0.88 1.55
CA VAL A 45 3.64 -0.08 0.64
C VAL A 45 3.51 -1.44 1.32
N GLU A 46 4.59 -1.86 1.96
CA GLU A 46 4.62 -3.13 2.68
C GLU A 46 3.53 -3.15 3.75
N GLN A 47 3.55 -2.13 4.60
CA GLN A 47 2.58 -2.02 5.69
C GLN A 47 1.16 -2.08 5.18
N ALA A 48 0.88 -1.36 4.09
CA ALA A 48 -0.45 -1.37 3.50
C ALA A 48 -0.82 -2.78 3.04
N ARG A 49 0.15 -3.50 2.49
CA ARG A 49 -0.10 -4.86 2.03
C ARG A 49 -0.39 -5.76 3.20
N LEU A 50 0.33 -5.54 4.30
CA LEU A 50 0.15 -6.34 5.51
C LEU A 50 -1.21 -6.05 6.15
N GLU A 51 -1.68 -4.82 6.04
CA GLU A 51 -3.01 -4.47 6.53
C GLU A 51 -4.07 -5.30 5.83
N PHE A 52 -3.96 -5.40 4.51
CA PHE A 52 -4.93 -6.16 3.72
C PHE A 52 -4.62 -7.65 3.80
N GLY A 53 -3.36 -7.98 4.08
CA GLY A 53 -2.97 -9.36 4.29
C GLY A 53 -3.63 -9.93 5.53
N GLN A 54 -3.80 -9.09 6.53
CA GLN A 54 -4.49 -9.49 7.75
C GLN A 54 -5.99 -9.48 7.54
N LEU A 55 -6.46 -8.60 6.65
CA LEU A 55 -7.88 -8.55 6.30
C LEU A 55 -8.37 -9.91 5.79
N GLU A 56 -7.46 -10.65 5.18
CA GLU A 56 -7.77 -11.97 4.63
C GLU A 56 -7.84 -13.02 5.73
N HIS A 57 -8.89 -12.95 6.53
CA HIS A 57 -9.18 -14.00 7.50
C HIS A 57 -10.23 -14.94 6.92
N HIS A 58 -11.44 -14.41 6.76
CA HIS A 58 -12.54 -15.17 6.21
C HIS A 58 -13.54 -14.23 5.55
N HIS A 59 -13.49 -14.13 4.23
CA HIS A 59 -14.41 -13.28 3.50
C HIS A 59 -15.55 -14.09 2.92
N HIS A 60 -16.76 -13.78 3.36
CA HIS A 60 -17.96 -14.40 2.83
C HIS A 60 -18.60 -13.47 1.80
N HIS A 61 -18.35 -12.18 1.95
CA HIS A 61 -18.92 -11.19 1.06
C HIS A 61 -17.89 -10.76 0.01
N HIS A 62 -18.33 -10.69 -1.23
CA HIS A 62 -17.49 -10.27 -2.33
C HIS A 62 -18.33 -9.51 -3.36
N MET A 1 -3.34 14.38 -4.83
CA MET A 1 -3.67 13.02 -5.31
C MET A 1 -2.53 12.47 -6.15
N ASN A 2 -2.27 11.17 -5.99
CA ASN A 2 -1.14 10.51 -6.64
C ASN A 2 0.18 11.13 -6.22
N LEU A 3 0.78 10.52 -5.22
CA LEU A 3 2.00 11.04 -4.62
C LEU A 3 3.23 10.55 -5.37
N ARG A 4 4.41 10.97 -4.93
CA ARG A 4 5.65 10.51 -5.54
C ARG A 4 5.98 9.10 -5.07
N TRP A 5 5.77 8.15 -5.95
CA TRP A 5 6.08 6.76 -5.66
C TRP A 5 7.54 6.47 -5.98
N THR A 6 8.27 5.96 -4.99
CA THR A 6 9.65 5.55 -5.22
C THR A 6 9.68 4.28 -6.07
N SER A 7 10.78 4.05 -6.76
CA SER A 7 10.91 2.88 -7.62
C SER A 7 10.68 1.59 -6.84
N GLU A 8 11.16 1.57 -5.59
CA GLU A 8 10.97 0.41 -4.73
C GLU A 8 9.51 0.27 -4.32
N ALA A 9 8.86 1.42 -4.07
CA ALA A 9 7.44 1.42 -3.73
C ALA A 9 6.60 0.94 -4.91
N LYS A 10 6.95 1.41 -6.10
CA LYS A 10 6.28 0.97 -7.32
C LYS A 10 6.43 -0.54 -7.51
N THR A 11 7.63 -1.05 -7.25
CA THR A 11 7.90 -2.47 -7.38
C THR A 11 7.11 -3.26 -6.33
N LYS A 12 6.98 -2.68 -5.14
CA LYS A 12 6.20 -3.30 -4.07
C LYS A 12 4.71 -3.26 -4.38
N LEU A 13 4.27 -2.15 -4.97
CA LEU A 13 2.87 -2.01 -5.36
C LEU A 13 2.50 -3.06 -6.40
N LYS A 14 3.40 -3.28 -7.35
CA LYS A 14 3.19 -4.27 -8.40
C LYS A 14 3.33 -5.68 -7.84
N ASN A 15 3.89 -5.79 -6.65
CA ASN A 15 4.05 -7.07 -5.98
C ASN A 15 2.70 -7.49 -5.40
N ILE A 16 1.87 -6.50 -5.12
CA ILE A 16 0.54 -6.71 -4.59
C ILE A 16 -0.42 -7.09 -5.70
N PRO A 17 -1.25 -8.13 -5.48
CA PRO A 17 -2.21 -8.62 -6.47
C PRO A 17 -3.06 -7.50 -7.05
N PHE A 18 -3.26 -7.52 -8.36
CA PHE A 18 -4.00 -6.45 -9.06
C PHE A 18 -5.40 -6.29 -8.49
N PHE A 19 -5.92 -7.36 -7.90
CA PHE A 19 -7.25 -7.38 -7.31
C PHE A 19 -7.32 -6.42 -6.11
N ALA A 20 -6.19 -6.25 -5.43
CA ALA A 20 -6.15 -5.42 -4.23
C ALA A 20 -5.13 -4.31 -4.36
N ARG A 21 -4.56 -4.16 -5.55
CA ARG A 21 -3.48 -3.21 -5.78
C ARG A 21 -3.98 -1.77 -5.74
N SER A 22 -5.11 -1.51 -6.39
CA SER A 22 -5.68 -0.16 -6.40
C SER A 22 -6.17 0.19 -5.01
N GLN A 23 -6.71 -0.80 -4.31
CA GLN A 23 -7.15 -0.64 -2.93
C GLN A 23 -5.96 -0.29 -2.04
N ALA A 24 -4.86 -1.03 -2.22
CA ALA A 24 -3.64 -0.78 -1.45
C ALA A 24 -3.09 0.60 -1.74
N LYS A 25 -3.09 0.97 -3.01
CA LYS A 25 -2.61 2.28 -3.44
C LYS A 25 -3.31 3.40 -2.66
N ALA A 26 -4.63 3.28 -2.55
CA ALA A 26 -5.42 4.27 -1.82
C ALA A 26 -4.98 4.34 -0.36
N ARG A 27 -4.70 3.19 0.22
CA ARG A 27 -4.26 3.12 1.61
C ARG A 27 -2.88 3.74 1.77
N ILE A 28 -1.95 3.33 0.91
CA ILE A 28 -0.57 3.79 0.97
C ILE A 28 -0.47 5.32 0.88
N GLU A 29 -1.18 5.89 -0.09
CA GLU A 29 -1.14 7.34 -0.29
C GLU A 29 -1.87 8.06 0.84
N GLN A 30 -2.81 7.37 1.48
CA GLN A 30 -3.46 7.90 2.67
C GLN A 30 -2.46 7.95 3.82
N LEU A 31 -1.69 6.87 3.96
CA LEU A 31 -0.66 6.76 4.99
C LEU A 31 0.37 7.87 4.85
N ALA A 32 0.77 8.13 3.61
CA ALA A 32 1.76 9.17 3.34
C ALA A 32 1.20 10.56 3.64
N ARG A 33 -0.05 10.79 3.27
CA ARG A 33 -0.70 12.07 3.57
C ARG A 33 -0.92 12.21 5.08
N GLN A 34 -1.02 11.08 5.75
CA GLN A 34 -1.11 11.06 7.21
C GLN A 34 0.26 11.41 7.81
N ALA A 35 1.31 10.97 7.11
CA ALA A 35 2.68 11.26 7.52
C ALA A 35 3.10 12.64 7.04
N GLU A 36 2.21 13.30 6.29
CA GLU A 36 2.43 14.69 5.84
C GLU A 36 3.54 14.77 4.78
N GLN A 37 3.75 13.67 4.07
CA GLN A 37 4.78 13.61 3.05
C GLN A 37 4.17 13.26 1.70
N ASP A 38 4.90 13.54 0.63
CA ASP A 38 4.42 13.29 -0.72
C ASP A 38 5.13 12.08 -1.32
N ILE A 39 6.21 11.68 -0.68
CA ILE A 39 6.99 10.54 -1.14
C ILE A 39 6.62 9.29 -0.35
N VAL A 40 6.21 8.23 -1.04
CA VAL A 40 5.90 6.99 -0.37
C VAL A 40 7.08 6.03 -0.44
N THR A 41 7.37 5.39 0.67
CA THR A 41 8.45 4.43 0.72
C THR A 41 7.91 3.01 0.69
N PRO A 42 8.74 2.02 0.28
CA PRO A 42 8.32 0.62 0.19
C PRO A 42 7.79 0.07 1.52
N GLU A 43 8.26 0.63 2.64
CA GLU A 43 7.78 0.21 3.95
C GLU A 43 6.29 0.48 4.08
N LEU A 44 5.85 1.65 3.63
CA LEU A 44 4.43 2.01 3.69
C LEU A 44 3.62 1.14 2.75
N VAL A 45 4.20 0.81 1.61
CA VAL A 45 3.56 -0.09 0.66
C VAL A 45 3.41 -1.48 1.26
N GLU A 46 4.48 -1.95 1.88
CA GLU A 46 4.49 -3.24 2.55
C GLU A 46 3.49 -3.23 3.70
N GLN A 47 3.49 -2.15 4.46
CA GLN A 47 2.60 -1.99 5.60
C GLN A 47 1.14 -2.19 5.17
N ALA A 48 0.75 -1.52 4.10
CA ALA A 48 -0.59 -1.66 3.56
C ALA A 48 -0.86 -3.09 3.13
N ARG A 49 0.16 -3.75 2.60
CA ARG A 49 0.04 -5.12 2.15
C ARG A 49 -0.13 -6.05 3.35
N LEU A 50 0.56 -5.72 4.43
CA LEU A 50 0.45 -6.49 5.67
C LEU A 50 -0.94 -6.32 6.26
N GLU A 51 -1.54 -5.16 6.07
CA GLU A 51 -2.94 -4.96 6.42
C GLU A 51 -3.79 -6.00 5.71
N PHE A 52 -3.56 -6.17 4.42
CA PHE A 52 -4.33 -7.11 3.63
C PHE A 52 -3.81 -8.53 3.83
N GLY A 53 -2.75 -8.67 4.61
CA GLY A 53 -2.23 -9.98 4.93
C GLY A 53 -2.73 -10.47 6.28
N GLN A 54 -3.11 -9.54 7.14
CA GLN A 54 -3.56 -9.89 8.48
C GLN A 54 -5.09 -9.85 8.60
N LEU A 55 -5.72 -8.91 7.91
CA LEU A 55 -7.17 -8.72 8.00
C LEU A 55 -7.92 -9.83 7.26
N GLU A 56 -8.14 -9.59 5.98
CA GLU A 56 -8.82 -10.56 5.12
C GLU A 56 -7.81 -11.18 4.18
N HIS A 57 -8.25 -12.17 3.39
CA HIS A 57 -7.35 -12.86 2.47
C HIS A 57 -6.27 -13.58 3.27
N HIS A 58 -6.71 -14.36 4.25
CA HIS A 58 -5.81 -15.03 5.20
C HIS A 58 -4.75 -15.84 4.49
N HIS A 59 -3.50 -15.49 4.77
CA HIS A 59 -2.36 -16.15 4.15
C HIS A 59 -2.23 -17.60 4.62
N HIS A 60 -1.86 -18.48 3.72
CA HIS A 60 -1.63 -19.87 4.06
C HIS A 60 -0.26 -20.31 3.55
N HIS A 61 0.45 -21.07 4.36
CA HIS A 61 1.80 -21.48 4.01
C HIS A 61 1.79 -22.54 2.92
N HIS A 62 2.78 -22.48 2.06
CA HIS A 62 2.95 -23.47 1.01
C HIS A 62 4.41 -23.91 0.95
N MET A 1 -5.45 13.19 -6.05
CA MET A 1 -4.35 12.91 -7.01
C MET A 1 -3.35 11.94 -6.37
N ASN A 2 -2.62 11.22 -7.21
CA ASN A 2 -1.60 10.30 -6.72
C ASN A 2 -0.43 11.04 -6.12
N LEU A 3 0.31 10.35 -5.27
CA LEU A 3 1.49 10.91 -4.64
C LEU A 3 2.73 10.47 -5.39
N ARG A 4 3.89 10.88 -4.92
CA ARG A 4 5.14 10.55 -5.58
C ARG A 4 5.67 9.21 -5.08
N TRP A 5 5.82 8.27 -5.99
CA TRP A 5 6.23 6.93 -5.65
C TRP A 5 7.69 6.70 -5.98
N THR A 6 8.43 6.17 -5.02
CA THR A 6 9.82 5.81 -5.23
C THR A 6 9.88 4.60 -6.16
N SER A 7 11.01 4.41 -6.83
CA SER A 7 11.19 3.27 -7.71
C SER A 7 11.00 1.96 -6.94
N GLU A 8 11.37 2.00 -5.66
CA GLU A 8 11.21 0.85 -4.78
C GLU A 8 9.73 0.62 -4.49
N ALA A 9 9.03 1.72 -4.20
CA ALA A 9 7.60 1.66 -3.91
C ALA A 9 6.81 1.16 -5.11
N LYS A 10 7.20 1.60 -6.30
CA LYS A 10 6.56 1.16 -7.54
C LYS A 10 6.62 -0.36 -7.64
N THR A 11 7.82 -0.91 -7.48
CA THR A 11 8.04 -2.34 -7.55
C THR A 11 7.29 -3.07 -6.43
N LYS A 12 7.29 -2.48 -5.24
CA LYS A 12 6.58 -3.05 -4.10
C LYS A 12 5.08 -3.10 -4.35
N LEU A 13 4.56 -2.06 -4.99
CA LEU A 13 3.13 -1.99 -5.32
C LEU A 13 2.75 -3.13 -6.26
N LYS A 14 3.65 -3.46 -7.17
CA LYS A 14 3.41 -4.54 -8.13
C LYS A 14 3.39 -5.91 -7.45
N ASN A 15 3.90 -5.97 -6.24
CA ASN A 15 3.90 -7.21 -5.46
C ASN A 15 2.52 -7.49 -4.91
N ILE A 16 1.77 -6.41 -4.70
CA ILE A 16 0.41 -6.52 -4.19
C ILE A 16 -0.51 -7.07 -5.28
N PRO A 17 -1.31 -8.10 -4.96
CA PRO A 17 -2.22 -8.74 -5.92
C PRO A 17 -3.14 -7.74 -6.60
N PHE A 18 -3.34 -7.91 -7.91
CA PHE A 18 -4.16 -6.98 -8.70
C PHE A 18 -5.57 -6.86 -8.12
N PHE A 19 -6.01 -7.90 -7.41
CA PHE A 19 -7.31 -7.92 -6.77
C PHE A 19 -7.42 -6.82 -5.70
N ALA A 20 -6.28 -6.43 -5.13
CA ALA A 20 -6.27 -5.46 -4.04
C ALA A 20 -5.22 -4.37 -4.26
N ARG A 21 -4.68 -4.31 -5.47
CA ARG A 21 -3.56 -3.42 -5.76
C ARG A 21 -3.97 -1.95 -5.74
N SER A 22 -5.06 -1.62 -6.44
CA SER A 22 -5.55 -0.25 -6.48
C SER A 22 -6.11 0.14 -5.12
N GLN A 23 -6.64 -0.83 -4.40
CA GLN A 23 -7.17 -0.60 -3.06
C GLN A 23 -6.02 -0.30 -2.09
N ALA A 24 -4.97 -1.10 -2.19
CA ALA A 24 -3.80 -0.91 -1.36
C ALA A 24 -3.12 0.41 -1.68
N LYS A 25 -3.01 0.72 -2.97
CA LYS A 25 -2.41 1.98 -3.42
C LYS A 25 -3.10 3.16 -2.74
N ALA A 26 -4.42 3.11 -2.68
CA ALA A 26 -5.20 4.16 -2.03
C ALA A 26 -4.81 4.30 -0.56
N ARG A 27 -4.63 3.17 0.11
CA ARG A 27 -4.26 3.19 1.52
C ARG A 27 -2.81 3.67 1.70
N ILE A 28 -1.94 3.27 0.79
CA ILE A 28 -0.53 3.67 0.85
C ILE A 28 -0.40 5.19 0.78
N GLU A 29 -1.05 5.80 -0.19
CA GLU A 29 -1.01 7.25 -0.34
C GLU A 29 -1.73 7.92 0.83
N GLN A 30 -2.72 7.23 1.39
CA GLN A 30 -3.42 7.68 2.58
C GLN A 30 -2.46 7.71 3.78
N LEU A 31 -1.70 6.64 3.91
CA LEU A 31 -0.71 6.52 4.98
C LEU A 31 0.34 7.62 4.85
N ALA A 32 0.70 7.94 3.61
CA ALA A 32 1.68 8.99 3.36
C ALA A 32 1.12 10.37 3.73
N ARG A 33 -0.19 10.52 3.60
CA ARG A 33 -0.85 11.75 4.02
C ARG A 33 -0.77 11.90 5.54
N GLN A 34 -0.91 10.79 6.24
CA GLN A 34 -0.79 10.78 7.69
C GLN A 34 0.66 10.96 8.11
N ALA A 35 1.57 10.45 7.28
CA ALA A 35 3.00 10.63 7.49
C ALA A 35 3.41 12.05 7.13
N GLU A 36 2.50 12.74 6.44
CA GLU A 36 2.70 14.13 6.03
C GLU A 36 3.91 14.25 5.12
N GLN A 37 3.85 13.52 4.02
CA GLN A 37 4.90 13.54 3.01
C GLN A 37 4.28 13.27 1.64
N ASP A 38 4.97 13.67 0.59
CA ASP A 38 4.46 13.51 -0.77
C ASP A 38 5.08 12.28 -1.41
N ILE A 39 6.13 11.78 -0.80
CA ILE A 39 6.88 10.66 -1.34
C ILE A 39 6.63 9.41 -0.50
N VAL A 40 6.19 8.34 -1.14
CA VAL A 40 5.91 7.10 -0.43
C VAL A 40 7.13 6.18 -0.48
N THR A 41 7.42 5.57 0.65
CA THR A 41 8.50 4.62 0.75
C THR A 41 7.98 3.19 0.65
N PRO A 42 8.82 2.24 0.23
CA PRO A 42 8.43 0.83 0.10
C PRO A 42 7.87 0.25 1.39
N GLU A 43 8.36 0.75 2.52
CA GLU A 43 7.90 0.31 3.83
C GLU A 43 6.41 0.59 4.01
N LEU A 44 5.97 1.75 3.55
CA LEU A 44 4.55 2.12 3.63
C LEU A 44 3.73 1.27 2.68
N VAL A 45 4.33 0.94 1.54
CA VAL A 45 3.68 0.10 0.55
C VAL A 45 3.45 -1.29 1.11
N GLU A 46 4.48 -1.84 1.75
CA GLU A 46 4.39 -3.16 2.35
C GLU A 46 3.38 -3.13 3.50
N GLN A 47 3.38 -2.04 4.28
CA GLN A 47 2.45 -1.88 5.40
C GLN A 47 1.01 -2.11 4.95
N ALA A 48 0.59 -1.41 3.90
CA ALA A 48 -0.77 -1.55 3.40
C ALA A 48 -1.04 -2.97 2.95
N ARG A 49 -0.01 -3.61 2.41
CA ARG A 49 -0.13 -4.97 1.91
C ARG A 49 -0.26 -5.95 3.08
N LEU A 50 0.45 -5.64 4.15
CA LEU A 50 0.40 -6.41 5.38
C LEU A 50 -1.01 -6.31 5.98
N GLU A 51 -1.55 -5.10 5.96
CA GLU A 51 -2.90 -4.84 6.46
C GLU A 51 -3.91 -5.79 5.85
N PHE A 52 -4.02 -5.77 4.53
CA PHE A 52 -4.98 -6.61 3.83
C PHE A 52 -4.62 -8.09 3.98
N GLY A 53 -3.34 -8.37 4.20
CA GLY A 53 -2.90 -9.73 4.45
C GLY A 53 -3.34 -10.21 5.82
N GLN A 54 -3.70 -9.28 6.67
CA GLN A 54 -4.20 -9.59 8.01
C GLN A 54 -5.65 -9.16 8.17
N LEU A 55 -6.23 -8.67 7.09
CA LEU A 55 -7.61 -8.18 7.13
C LEU A 55 -8.54 -9.07 6.30
N GLU A 56 -8.04 -9.56 5.17
CA GLU A 56 -8.87 -10.30 4.20
C GLU A 56 -10.07 -9.45 3.78
N HIS A 57 -11.23 -9.78 4.33
CA HIS A 57 -12.46 -9.01 4.14
C HIS A 57 -13.30 -9.15 5.40
N HIS A 58 -13.53 -10.39 5.78
CA HIS A 58 -14.27 -10.73 6.98
C HIS A 58 -13.60 -11.93 7.65
N HIS A 59 -13.07 -11.72 8.84
CA HIS A 59 -12.36 -12.79 9.54
C HIS A 59 -13.31 -13.93 9.87
N HIS A 60 -13.02 -15.10 9.33
CA HIS A 60 -13.87 -16.26 9.55
C HIS A 60 -13.82 -16.68 11.00
N HIS A 61 -14.98 -16.83 11.60
CA HIS A 61 -15.09 -17.19 13.00
C HIS A 61 -15.42 -18.67 13.14
N HIS A 62 -15.16 -19.22 14.30
CA HIS A 62 -15.47 -20.62 14.56
C HIS A 62 -16.71 -20.74 15.43
N MET A 1 -2.48 14.52 -8.62
CA MET A 1 -2.71 13.23 -9.32
C MET A 1 -1.66 12.22 -8.89
N ASN A 2 -2.05 11.29 -8.01
CA ASN A 2 -1.11 10.32 -7.43
C ASN A 2 -0.06 11.01 -6.56
N LEU A 3 0.50 10.27 -5.62
CA LEU A 3 1.61 10.79 -4.84
C LEU A 3 2.91 10.37 -5.50
N ARG A 4 4.03 10.78 -4.92
CA ARG A 4 5.32 10.39 -5.43
C ARG A 4 5.69 8.99 -5.00
N TRP A 5 5.70 8.09 -5.95
CA TRP A 5 6.05 6.71 -5.70
C TRP A 5 7.52 6.49 -6.01
N THR A 6 8.24 6.02 -5.00
CA THR A 6 9.64 5.70 -5.18
C THR A 6 9.77 4.47 -6.06
N SER A 7 10.91 4.32 -6.73
CA SER A 7 11.12 3.19 -7.62
C SER A 7 10.97 1.87 -6.85
N GLU A 8 11.38 1.89 -5.59
CA GLU A 8 11.26 0.74 -4.71
C GLU A 8 9.79 0.50 -4.36
N ALA A 9 9.05 1.58 -4.12
CA ALA A 9 7.63 1.48 -3.78
C ALA A 9 6.84 0.92 -4.95
N LYS A 10 7.13 1.41 -6.16
CA LYS A 10 6.50 0.89 -7.37
C LYS A 10 6.68 -0.62 -7.47
N THR A 11 7.90 -1.07 -7.20
CA THR A 11 8.23 -2.49 -7.25
C THR A 11 7.42 -3.27 -6.21
N LYS A 12 7.28 -2.69 -5.03
CA LYS A 12 6.49 -3.29 -3.96
C LYS A 12 5.02 -3.34 -4.31
N LEU A 13 4.52 -2.28 -4.94
CA LEU A 13 3.12 -2.20 -5.35
C LEU A 13 2.80 -3.28 -6.38
N LYS A 14 3.80 -3.61 -7.20
CA LYS A 14 3.64 -4.63 -8.24
C LYS A 14 3.65 -6.03 -7.65
N ASN A 15 3.93 -6.14 -6.35
CA ASN A 15 3.88 -7.42 -5.66
C ASN A 15 2.48 -7.68 -5.12
N ILE A 16 1.67 -6.62 -5.13
CA ILE A 16 0.30 -6.72 -4.67
C ILE A 16 -0.61 -7.12 -5.83
N PRO A 17 -1.52 -8.10 -5.60
CA PRO A 17 -2.48 -8.54 -6.63
C PRO A 17 -3.25 -7.37 -7.21
N PHE A 18 -3.30 -7.28 -8.54
CA PHE A 18 -3.89 -6.15 -9.24
C PHE A 18 -5.32 -5.84 -8.75
N PHE A 19 -6.04 -6.88 -8.34
CA PHE A 19 -7.42 -6.72 -7.87
C PHE A 19 -7.48 -5.87 -6.60
N ALA A 20 -6.47 -6.02 -5.75
CA ALA A 20 -6.45 -5.32 -4.47
C ALA A 20 -5.30 -4.32 -4.42
N ARG A 21 -4.63 -4.15 -5.56
CA ARG A 21 -3.45 -3.30 -5.63
C ARG A 21 -3.83 -1.84 -5.45
N SER A 22 -4.86 -1.41 -6.15
CA SER A 22 -5.31 -0.03 -6.07
C SER A 22 -5.94 0.25 -4.71
N GLN A 23 -6.56 -0.76 -4.13
CA GLN A 23 -7.11 -0.67 -2.79
C GLN A 23 -5.99 -0.43 -1.78
N ALA A 24 -4.96 -1.25 -1.86
CA ALA A 24 -3.80 -1.09 -1.01
C ALA A 24 -3.12 0.25 -1.28
N LYS A 25 -3.01 0.58 -2.57
CA LYS A 25 -2.41 1.83 -3.01
C LYS A 25 -3.12 3.04 -2.41
N ALA A 26 -4.44 2.98 -2.35
CA ALA A 26 -5.23 4.04 -1.74
C ALA A 26 -4.87 4.20 -0.26
N ARG A 27 -4.64 3.08 0.41
CA ARG A 27 -4.23 3.10 1.80
C ARG A 27 -2.78 3.57 1.94
N ILE A 28 -1.93 3.11 1.03
CA ILE A 28 -0.51 3.52 1.03
C ILE A 28 -0.38 5.03 0.93
N GLU A 29 -1.04 5.60 -0.07
CA GLU A 29 -0.99 7.04 -0.28
C GLU A 29 -1.71 7.78 0.84
N GLN A 30 -2.65 7.10 1.50
CA GLN A 30 -3.34 7.68 2.63
C GLN A 30 -2.42 7.73 3.84
N LEU A 31 -1.65 6.66 4.03
CA LEU A 31 -0.67 6.58 5.11
C LEU A 31 0.35 7.71 4.97
N ALA A 32 0.81 7.93 3.74
CA ALA A 32 1.76 8.99 3.44
C ALA A 32 1.16 10.36 3.78
N ARG A 33 -0.14 10.49 3.55
CA ARG A 33 -0.84 11.74 3.88
C ARG A 33 -0.91 11.94 5.39
N GLN A 34 -0.99 10.84 6.13
CA GLN A 34 -0.99 10.91 7.59
C GLN A 34 0.38 11.32 8.09
N ALA A 35 1.40 11.07 7.28
CA ALA A 35 2.76 11.49 7.57
C ALA A 35 3.03 12.87 6.97
N GLU A 36 2.09 13.33 6.14
CA GLU A 36 2.16 14.64 5.49
C GLU A 36 3.36 14.73 4.57
N GLN A 37 3.56 13.66 3.80
CA GLN A 37 4.61 13.65 2.79
C GLN A 37 4.04 13.12 1.48
N ASP A 38 4.58 13.60 0.37
CA ASP A 38 4.06 13.26 -0.94
C ASP A 38 4.75 12.00 -1.44
N ILE A 39 5.91 11.72 -0.87
CA ILE A 39 6.71 10.58 -1.27
C ILE A 39 6.35 9.35 -0.44
N VAL A 40 5.96 8.28 -1.11
CA VAL A 40 5.68 7.03 -0.44
C VAL A 40 6.89 6.11 -0.51
N THR A 41 7.21 5.49 0.62
CA THR A 41 8.31 4.56 0.68
C THR A 41 7.80 3.13 0.57
N PRO A 42 8.64 2.21 0.09
CA PRO A 42 8.27 0.79 -0.05
C PRO A 42 7.85 0.17 1.27
N GLU A 43 8.37 0.74 2.37
CA GLU A 43 8.01 0.31 3.72
C GLU A 43 6.51 0.47 3.93
N LEU A 44 5.97 1.60 3.47
CA LEU A 44 4.55 1.88 3.59
C LEU A 44 3.74 0.97 2.68
N VAL A 45 4.26 0.73 1.48
CA VAL A 45 3.60 -0.16 0.53
C VAL A 45 3.48 -1.56 1.11
N GLU A 46 4.58 -2.08 1.61
CA GLU A 46 4.61 -3.40 2.21
C GLU A 46 3.71 -3.43 3.45
N GLN A 47 3.82 -2.38 4.26
CA GLN A 47 2.99 -2.26 5.47
C GLN A 47 1.52 -2.38 5.11
N ALA A 48 1.09 -1.61 4.12
CA ALA A 48 -0.30 -1.62 3.70
C ALA A 48 -0.71 -2.99 3.17
N ARG A 49 0.24 -3.72 2.60
CA ARG A 49 -0.05 -5.05 2.08
C ARG A 49 -0.25 -6.02 3.24
N LEU A 50 0.43 -5.76 4.35
CA LEU A 50 0.28 -6.56 5.55
C LEU A 50 -0.99 -6.17 6.29
N GLU A 51 -1.35 -4.89 6.20
CA GLU A 51 -2.62 -4.41 6.75
C GLU A 51 -3.76 -5.26 6.20
N PHE A 52 -3.76 -5.47 4.89
CA PHE A 52 -4.80 -6.26 4.25
C PHE A 52 -4.47 -7.74 4.28
N GLY A 53 -3.19 -8.05 4.44
CA GLY A 53 -2.76 -9.43 4.53
C GLY A 53 -3.31 -10.09 5.77
N GLN A 54 -3.41 -9.33 6.86
CA GLN A 54 -4.04 -9.82 8.07
C GLN A 54 -5.45 -9.25 8.20
N LEU A 55 -5.77 -8.28 7.32
CA LEU A 55 -7.06 -7.60 7.34
C LEU A 55 -7.22 -6.87 8.67
N GLU A 56 -6.13 -6.20 9.05
CA GLU A 56 -5.97 -5.49 10.32
C GLU A 56 -6.59 -6.20 11.52
N HIS A 57 -7.88 -5.95 11.80
CA HIS A 57 -8.56 -6.52 12.98
C HIS A 57 -7.91 -5.97 14.25
N HIS A 58 -7.15 -4.88 14.09
CA HIS A 58 -6.30 -4.35 15.14
C HIS A 58 -5.49 -5.48 15.76
N HIS A 59 -4.73 -6.15 14.89
CA HIS A 59 -3.96 -7.33 15.25
C HIS A 59 -3.05 -7.04 16.44
N HIS A 60 -3.07 -7.94 17.42
CA HIS A 60 -2.34 -7.76 18.67
C HIS A 60 -0.86 -8.12 18.52
N HIS A 61 -0.39 -8.18 17.29
CA HIS A 61 0.99 -8.62 17.01
C HIS A 61 1.18 -10.08 17.42
N HIS A 62 2.42 -10.53 17.41
CA HIS A 62 2.73 -11.88 17.86
C HIS A 62 4.15 -11.93 18.40
N MET A 1 -4.35 11.92 -7.25
CA MET A 1 -4.43 10.82 -8.22
C MET A 1 -3.28 9.85 -8.00
N ASN A 2 -2.09 10.39 -7.89
CA ASN A 2 -0.91 9.61 -7.54
C ASN A 2 0.10 10.49 -6.84
N LEU A 3 0.73 9.96 -5.83
CA LEU A 3 1.78 10.68 -5.13
C LEU A 3 3.14 10.32 -5.72
N ARG A 4 4.21 10.89 -5.19
CA ARG A 4 5.54 10.54 -5.64
C ARG A 4 5.93 9.16 -5.13
N TRP A 5 5.74 8.17 -5.99
CA TRP A 5 6.09 6.79 -5.65
C TRP A 5 7.57 6.54 -5.89
N THR A 6 8.27 6.11 -4.85
CA THR A 6 9.67 5.75 -5.00
C THR A 6 9.78 4.50 -5.86
N SER A 7 10.93 4.32 -6.49
CA SER A 7 11.13 3.22 -7.43
C SER A 7 10.90 1.86 -6.73
N GLU A 8 11.28 1.77 -5.47
CA GLU A 8 11.08 0.55 -4.71
C GLU A 8 9.61 0.39 -4.32
N ALA A 9 8.96 1.51 -4.00
CA ALA A 9 7.54 1.47 -3.63
C ALA A 9 6.70 1.00 -4.81
N LYS A 10 7.04 1.50 -6.00
CA LYS A 10 6.38 1.08 -7.23
C LYS A 10 6.51 -0.43 -7.42
N THR A 11 7.71 -0.94 -7.20
CA THR A 11 7.99 -2.36 -7.33
C THR A 11 7.22 -3.15 -6.26
N LYS A 12 7.18 -2.62 -5.04
CA LYS A 12 6.42 -3.23 -3.95
C LYS A 12 4.94 -3.29 -4.28
N LEU A 13 4.42 -2.21 -4.85
CA LEU A 13 3.00 -2.13 -5.23
C LEU A 13 2.66 -3.22 -6.26
N LYS A 14 3.59 -3.48 -7.16
CA LYS A 14 3.40 -4.49 -8.20
C LYS A 14 3.45 -5.90 -7.62
N ASN A 15 3.82 -6.00 -6.36
CA ASN A 15 3.83 -7.28 -5.66
C ASN A 15 2.53 -7.47 -4.88
N ILE A 16 1.63 -6.51 -5.00
CA ILE A 16 0.31 -6.61 -4.44
C ILE A 16 -0.68 -7.10 -5.50
N PRO A 17 -1.51 -8.11 -5.18
CA PRO A 17 -2.49 -8.67 -6.11
C PRO A 17 -3.35 -7.59 -6.78
N PHE A 18 -3.64 -7.79 -8.06
CA PHE A 18 -4.35 -6.80 -8.88
C PHE A 18 -5.61 -6.27 -8.19
N PHE A 19 -6.43 -7.18 -7.67
CA PHE A 19 -7.71 -6.82 -7.06
C PHE A 19 -7.54 -5.83 -5.90
N ALA A 20 -6.41 -5.91 -5.22
CA ALA A 20 -6.19 -5.07 -4.06
C ALA A 20 -5.04 -4.10 -4.30
N ARG A 21 -4.45 -4.13 -5.48
CA ARG A 21 -3.34 -3.23 -5.80
C ARG A 21 -3.85 -1.79 -5.87
N SER A 22 -5.02 -1.60 -6.44
CA SER A 22 -5.62 -0.29 -6.50
C SER A 22 -6.11 0.15 -5.13
N GLN A 23 -6.70 -0.78 -4.39
CA GLN A 23 -7.18 -0.52 -3.03
C GLN A 23 -6.01 -0.17 -2.12
N ALA A 24 -4.95 -0.97 -2.18
CA ALA A 24 -3.76 -0.74 -1.37
C ALA A 24 -3.12 0.59 -1.72
N LYS A 25 -3.04 0.88 -3.01
CA LYS A 25 -2.48 2.14 -3.49
C LYS A 25 -3.15 3.32 -2.81
N ALA A 26 -4.48 3.25 -2.72
CA ALA A 26 -5.25 4.30 -2.07
C ALA A 26 -4.84 4.44 -0.61
N ARG A 27 -4.68 3.31 0.06
CA ARG A 27 -4.30 3.32 1.47
C ARG A 27 -2.87 3.83 1.65
N ILE A 28 -1.98 3.43 0.74
CA ILE A 28 -0.59 3.83 0.79
C ILE A 28 -0.45 5.35 0.69
N GLU A 29 -1.14 5.94 -0.27
CA GLU A 29 -1.08 7.38 -0.48
C GLU A 29 -1.73 8.12 0.69
N GLN A 30 -2.70 7.47 1.34
CA GLN A 30 -3.32 8.03 2.53
C GLN A 30 -2.39 7.88 3.73
N LEU A 31 -1.63 6.79 3.77
CA LEU A 31 -0.61 6.60 4.79
C LEU A 31 0.47 7.65 4.64
N ALA A 32 0.75 8.03 3.40
CA ALA A 32 1.69 9.10 3.12
C ALA A 32 1.13 10.44 3.61
N ARG A 33 -0.18 10.63 3.44
CA ARG A 33 -0.83 11.83 3.94
C ARG A 33 -0.89 11.82 5.46
N GLN A 34 -0.87 10.63 6.05
CA GLN A 34 -0.81 10.49 7.50
C GLN A 34 0.61 10.77 7.98
N ALA A 35 1.58 10.45 7.13
CA ALA A 35 2.98 10.73 7.41
C ALA A 35 3.33 12.16 6.99
N GLU A 36 2.35 12.82 6.38
CA GLU A 36 2.46 14.23 5.98
C GLU A 36 3.58 14.43 4.96
N GLN A 37 3.67 13.51 4.00
CA GLN A 37 4.64 13.60 2.93
C GLN A 37 4.05 13.09 1.63
N ASP A 38 4.59 13.55 0.51
CA ASP A 38 4.07 13.16 -0.80
C ASP A 38 4.79 11.92 -1.31
N ILE A 39 5.99 11.72 -0.79
CA ILE A 39 6.82 10.60 -1.22
C ILE A 39 6.48 9.35 -0.42
N VAL A 40 6.02 8.32 -1.11
CA VAL A 40 5.72 7.06 -0.45
C VAL A 40 6.94 6.14 -0.51
N THR A 41 7.21 5.46 0.59
CA THR A 41 8.32 4.54 0.65
C THR A 41 7.82 3.11 0.58
N PRO A 42 8.71 2.15 0.26
CA PRO A 42 8.36 0.73 0.27
C PRO A 42 7.87 0.28 1.64
N GLU A 43 8.26 1.02 2.68
CA GLU A 43 7.82 0.76 4.05
C GLU A 43 6.31 0.83 4.13
N LEU A 44 5.75 1.91 3.58
CA LEU A 44 4.31 2.14 3.60
C LEU A 44 3.59 1.13 2.72
N VAL A 45 4.16 0.83 1.56
CA VAL A 45 3.57 -0.16 0.65
C VAL A 45 3.55 -1.53 1.31
N GLU A 46 4.65 -1.88 1.96
CA GLU A 46 4.77 -3.13 2.71
C GLU A 46 3.66 -3.18 3.76
N GLN A 47 3.60 -2.13 4.58
CA GLN A 47 2.60 -2.02 5.63
C GLN A 47 1.18 -2.22 5.10
N ALA A 48 0.88 -1.55 3.99
CA ALA A 48 -0.44 -1.66 3.39
C ALA A 48 -0.75 -3.10 2.98
N ARG A 49 0.25 -3.80 2.44
CA ARG A 49 0.06 -5.17 2.00
C ARG A 49 -0.01 -6.09 3.22
N LEU A 50 0.68 -5.69 4.28
CA LEU A 50 0.67 -6.41 5.53
C LEU A 50 -0.73 -6.33 6.15
N GLU A 51 -1.32 -5.14 6.09
CA GLU A 51 -2.68 -4.91 6.59
C GLU A 51 -3.65 -5.90 5.96
N PHE A 52 -3.70 -5.89 4.63
CA PHE A 52 -4.62 -6.77 3.90
C PHE A 52 -4.21 -8.23 4.04
N GLY A 53 -2.92 -8.45 4.24
CA GLY A 53 -2.40 -9.79 4.43
C GLY A 53 -2.84 -10.42 5.73
N GLN A 54 -3.10 -9.58 6.72
CA GLN A 54 -3.59 -10.05 8.02
C GLN A 54 -5.11 -10.13 8.02
N LEU A 55 -5.73 -9.23 7.26
CA LEU A 55 -7.19 -9.24 7.11
C LEU A 55 -7.64 -10.49 6.37
N GLU A 56 -7.02 -10.72 5.20
CA GLU A 56 -7.33 -11.87 4.34
C GLU A 56 -8.77 -11.79 3.80
N HIS A 57 -9.73 -11.95 4.69
CA HIS A 57 -11.14 -11.90 4.31
C HIS A 57 -11.75 -10.56 4.70
N HIS A 58 -12.73 -10.11 3.94
CA HIS A 58 -13.45 -8.88 4.27
C HIS A 58 -14.19 -9.04 5.59
N HIS A 59 -13.68 -8.41 6.63
CA HIS A 59 -14.18 -8.59 7.99
C HIS A 59 -15.61 -8.05 8.13
N HIS A 60 -15.76 -6.74 8.09
CA HIS A 60 -17.07 -6.13 8.28
C HIS A 60 -17.58 -5.54 6.98
N HIS A 61 -16.70 -4.87 6.26
CA HIS A 61 -17.02 -4.20 4.98
C HIS A 61 -17.94 -3.00 5.20
N HIS A 62 -19.16 -3.26 5.66
CA HIS A 62 -20.11 -2.20 5.95
C HIS A 62 -21.23 -2.76 6.82
N MET A 1 -4.58 13.04 -9.89
CA MET A 1 -3.81 13.21 -8.63
C MET A 1 -3.16 11.89 -8.22
N ASN A 2 -1.90 11.98 -7.84
CA ASN A 2 -1.12 10.84 -7.37
C ASN A 2 0.11 11.34 -6.66
N LEU A 3 0.57 10.61 -5.66
CA LEU A 3 1.74 11.04 -4.89
C LEU A 3 3.03 10.57 -5.55
N ARG A 4 4.15 10.92 -4.93
CA ARG A 4 5.45 10.56 -5.47
C ARG A 4 5.84 9.17 -5.01
N TRP A 5 5.94 8.26 -5.95
CA TRP A 5 6.25 6.88 -5.63
C TRP A 5 7.73 6.61 -5.82
N THR A 6 8.37 6.13 -4.77
CA THR A 6 9.76 5.73 -4.86
C THR A 6 9.87 4.49 -5.73
N SER A 7 11.02 4.30 -6.37
CA SER A 7 11.19 3.18 -7.29
C SER A 7 10.98 1.86 -6.57
N GLU A 8 11.39 1.81 -5.30
CA GLU A 8 11.20 0.61 -4.48
C GLU A 8 9.73 0.42 -4.15
N ALA A 9 9.02 1.51 -3.94
CA ALA A 9 7.58 1.45 -3.66
C ALA A 9 6.83 0.97 -4.88
N LYS A 10 7.20 1.49 -6.04
CA LYS A 10 6.63 1.04 -7.32
C LYS A 10 6.84 -0.46 -7.51
N THR A 11 8.03 -0.92 -7.16
CA THR A 11 8.36 -2.34 -7.23
C THR A 11 7.44 -3.15 -6.29
N LYS A 12 7.31 -2.67 -5.06
CA LYS A 12 6.42 -3.29 -4.07
C LYS A 12 4.98 -3.32 -4.56
N LEU A 13 4.54 -2.22 -5.17
CA LEU A 13 3.17 -2.08 -5.64
C LEU A 13 2.86 -3.15 -6.70
N LYS A 14 3.85 -3.48 -7.50
CA LYS A 14 3.68 -4.47 -8.57
C LYS A 14 3.66 -5.89 -8.03
N ASN A 15 4.15 -6.06 -6.80
CA ASN A 15 4.15 -7.37 -6.18
C ASN A 15 2.87 -7.58 -5.38
N ILE A 16 2.06 -6.55 -5.29
CA ILE A 16 0.76 -6.63 -4.64
C ILE A 16 -0.28 -7.20 -5.61
N PRO A 17 -1.07 -8.20 -5.17
CA PRO A 17 -2.11 -8.82 -6.00
C PRO A 17 -3.09 -7.80 -6.57
N PHE A 18 -3.57 -8.07 -7.79
CA PHE A 18 -4.48 -7.17 -8.50
C PHE A 18 -5.72 -6.84 -7.67
N PHE A 19 -6.22 -7.84 -6.95
CA PHE A 19 -7.41 -7.68 -6.11
C PHE A 19 -7.21 -6.56 -5.09
N ALA A 20 -5.98 -6.39 -4.62
CA ALA A 20 -5.69 -5.40 -3.60
C ALA A 20 -4.96 -4.19 -4.18
N ARG A 21 -4.65 -4.24 -5.47
CA ARG A 21 -3.89 -3.19 -6.13
C ARG A 21 -4.50 -1.80 -5.92
N SER A 22 -5.75 -1.63 -6.32
CA SER A 22 -6.41 -0.33 -6.25
C SER A 22 -6.65 0.06 -4.79
N GLN A 23 -6.98 -0.92 -3.97
CA GLN A 23 -7.25 -0.69 -2.55
C GLN A 23 -5.98 -0.27 -1.83
N ALA A 24 -4.88 -0.95 -2.12
CA ALA A 24 -3.62 -0.68 -1.47
C ALA A 24 -3.09 0.69 -1.84
N LYS A 25 -3.03 0.97 -3.16
CA LYS A 25 -2.50 2.24 -3.63
C LYS A 25 -3.21 3.41 -2.96
N ALA A 26 -4.54 3.32 -2.89
CA ALA A 26 -5.34 4.33 -2.23
C ALA A 26 -4.86 4.56 -0.80
N ARG A 27 -4.76 3.47 -0.03
CA ARG A 27 -4.37 3.55 1.37
C ARG A 27 -2.93 3.98 1.53
N ILE A 28 -2.06 3.49 0.66
CA ILE A 28 -0.62 3.81 0.72
C ILE A 28 -0.42 5.32 0.63
N GLU A 29 -1.08 5.95 -0.33
CA GLU A 29 -0.96 7.39 -0.52
C GLU A 29 -1.64 8.14 0.63
N GLN A 30 -2.62 7.52 1.27
CA GLN A 30 -3.23 8.09 2.46
C GLN A 30 -2.27 7.98 3.64
N LEU A 31 -1.56 6.86 3.70
CA LEU A 31 -0.55 6.64 4.73
C LEU A 31 0.56 7.67 4.61
N ALA A 32 0.83 8.12 3.39
CA ALA A 32 1.80 9.18 3.15
C ALA A 32 1.29 10.51 3.66
N ARG A 33 -0.02 10.74 3.51
CA ARG A 33 -0.66 11.93 4.06
C ARG A 33 -0.59 11.87 5.58
N GLN A 34 -0.74 10.67 6.11
CA GLN A 34 -0.64 10.43 7.55
C GLN A 34 0.78 10.70 8.04
N ALA A 35 1.76 10.36 7.19
CA ALA A 35 3.16 10.62 7.50
C ALA A 35 3.54 12.04 7.11
N GLU A 36 2.60 12.74 6.49
CA GLU A 36 2.77 14.15 6.11
C GLU A 36 3.92 14.33 5.13
N GLN A 37 3.85 13.64 4.00
CA GLN A 37 4.86 13.78 2.97
C GLN A 37 4.28 13.44 1.60
N ASP A 38 4.90 13.97 0.56
CA ASP A 38 4.42 13.78 -0.82
C ASP A 38 4.92 12.46 -1.37
N ILE A 39 5.86 11.85 -0.66
CA ILE A 39 6.53 10.66 -1.13
C ILE A 39 6.03 9.43 -0.37
N VAL A 40 5.84 8.33 -1.10
CA VAL A 40 5.51 7.08 -0.46
C VAL A 40 6.74 6.16 -0.47
N THR A 41 7.01 5.54 0.66
CA THR A 41 8.12 4.63 0.76
C THR A 41 7.63 3.19 0.67
N PRO A 42 8.51 2.26 0.25
CA PRO A 42 8.15 0.85 0.15
C PRO A 42 7.64 0.27 1.47
N GLU A 43 8.05 0.89 2.58
CA GLU A 43 7.55 0.50 3.89
C GLU A 43 6.03 0.64 3.95
N LEU A 44 5.54 1.78 3.48
CA LEU A 44 4.10 2.06 3.50
C LEU A 44 3.36 1.14 2.53
N VAL A 45 4.00 0.83 1.41
CA VAL A 45 3.45 -0.11 0.45
C VAL A 45 3.36 -1.50 1.08
N GLU A 46 4.42 -1.89 1.76
CA GLU A 46 4.46 -3.14 2.49
C GLU A 46 3.39 -3.16 3.57
N GLN A 47 3.36 -2.10 4.38
CA GLN A 47 2.39 -1.96 5.47
C GLN A 47 0.97 -2.20 4.98
N ALA A 48 0.57 -1.45 3.96
CA ALA A 48 -0.77 -1.59 3.41
C ALA A 48 -1.01 -3.01 2.94
N ARG A 49 0.03 -3.61 2.36
CA ARG A 49 -0.05 -4.95 1.82
C ARG A 49 -0.28 -5.97 2.94
N LEU A 50 0.51 -5.84 4.00
CA LEU A 50 0.42 -6.77 5.12
C LEU A 50 -0.84 -6.57 5.92
N GLU A 51 -1.30 -5.32 6.01
CA GLU A 51 -2.57 -5.00 6.67
C GLU A 51 -3.69 -5.85 6.08
N PHE A 52 -3.79 -5.85 4.76
CA PHE A 52 -4.84 -6.60 4.09
C PHE A 52 -4.57 -8.09 4.16
N GLY A 53 -3.28 -8.45 4.17
CA GLY A 53 -2.89 -9.85 4.29
C GLY A 53 -3.21 -10.42 5.65
N GLN A 54 -3.33 -9.55 6.65
CA GLN A 54 -3.69 -9.97 7.99
C GLN A 54 -5.20 -9.99 8.15
N LEU A 55 -5.89 -9.19 7.33
CA LEU A 55 -7.34 -9.16 7.36
C LEU A 55 -7.92 -10.38 6.66
N GLU A 56 -8.29 -10.22 5.38
CA GLU A 56 -8.95 -11.26 4.58
C GLU A 56 -10.06 -11.96 5.37
N HIS A 57 -9.68 -13.05 6.04
CA HIS A 57 -10.62 -13.82 6.85
C HIS A 57 -10.58 -13.30 8.28
N HIS A 58 -11.41 -12.29 8.57
CA HIS A 58 -11.36 -11.59 9.84
C HIS A 58 -12.26 -12.28 10.88
N HIS A 59 -12.31 -13.60 10.81
CA HIS A 59 -13.02 -14.38 11.82
C HIS A 59 -12.14 -15.52 12.31
N HIS A 60 -11.59 -16.27 11.34
CA HIS A 60 -10.73 -17.43 11.60
C HIS A 60 -11.27 -18.29 12.76
N HIS A 61 -12.42 -18.90 12.53
CA HIS A 61 -13.03 -19.78 13.51
C HIS A 61 -13.43 -21.10 12.85
N HIS A 62 -12.92 -22.19 13.37
CA HIS A 62 -13.21 -23.49 12.83
C HIS A 62 -14.26 -24.19 13.67
N MET A 1 -2.48 16.06 -6.89
CA MET A 1 -2.78 14.75 -6.29
C MET A 1 -1.93 13.67 -6.93
N ASN A 2 -2.10 12.43 -6.48
CA ASN A 2 -1.26 11.31 -6.92
C ASN A 2 0.15 11.52 -6.40
N LEU A 3 0.46 10.84 -5.30
CA LEU A 3 1.72 11.05 -4.60
C LEU A 3 2.89 10.46 -5.38
N ARG A 4 4.10 10.78 -4.94
CA ARG A 4 5.30 10.33 -5.62
C ARG A 4 5.69 8.93 -5.13
N TRP A 5 5.84 8.02 -6.07
CA TRP A 5 6.21 6.66 -5.75
C TRP A 5 7.68 6.42 -6.07
N THR A 6 8.41 5.89 -5.11
CA THR A 6 9.82 5.59 -5.29
C THR A 6 10.00 4.38 -6.20
N SER A 7 11.23 4.15 -6.64
CA SER A 7 11.54 2.99 -7.46
C SER A 7 11.18 1.70 -6.73
N GLU A 8 11.42 1.69 -5.42
CA GLU A 8 11.13 0.53 -4.60
C GLU A 8 9.62 0.39 -4.42
N ALA A 9 8.96 1.52 -4.22
CA ALA A 9 7.51 1.55 -4.02
C ALA A 9 6.78 1.07 -5.26
N LYS A 10 7.27 1.48 -6.43
CA LYS A 10 6.69 1.08 -7.70
C LYS A 10 6.78 -0.44 -7.85
N THR A 11 7.94 -1.00 -7.54
CA THR A 11 8.13 -2.45 -7.58
C THR A 11 7.24 -3.14 -6.55
N LYS A 12 7.23 -2.61 -5.33
CA LYS A 12 6.40 -3.14 -4.25
C LYS A 12 4.93 -3.16 -4.63
N LEU A 13 4.44 -2.08 -5.21
CA LEU A 13 3.04 -1.95 -5.59
C LEU A 13 2.68 -2.99 -6.66
N LYS A 14 3.62 -3.27 -7.54
CA LYS A 14 3.40 -4.23 -8.62
C LYS A 14 3.45 -5.66 -8.09
N ASN A 15 4.11 -5.85 -6.95
CA ASN A 15 4.19 -7.17 -6.32
C ASN A 15 2.91 -7.47 -5.54
N ILE A 16 2.05 -6.46 -5.43
CA ILE A 16 0.76 -6.65 -4.77
C ILE A 16 -0.28 -7.06 -5.80
N PRO A 17 -1.02 -8.16 -5.53
CA PRO A 17 -2.06 -8.69 -6.41
C PRO A 17 -2.92 -7.60 -7.03
N PHE A 18 -3.16 -7.73 -8.34
CA PHE A 18 -3.85 -6.71 -9.12
C PHE A 18 -5.16 -6.26 -8.47
N PHE A 19 -5.95 -7.22 -8.02
CA PHE A 19 -7.26 -6.94 -7.45
C PHE A 19 -7.15 -6.18 -6.12
N ALA A 20 -5.98 -6.23 -5.51
CA ALA A 20 -5.77 -5.58 -4.21
C ALA A 20 -4.83 -4.39 -4.34
N ARG A 21 -4.32 -4.17 -5.55
CA ARG A 21 -3.35 -3.10 -5.78
C ARG A 21 -4.02 -1.73 -5.74
N SER A 22 -5.20 -1.62 -6.34
CA SER A 22 -5.96 -0.38 -6.32
C SER A 22 -6.32 -0.01 -4.89
N GLN A 23 -6.76 -1.01 -4.14
CA GLN A 23 -7.13 -0.84 -2.75
C GLN A 23 -5.89 -0.51 -1.90
N ALA A 24 -4.77 -1.12 -2.25
CA ALA A 24 -3.51 -0.87 -1.55
C ALA A 24 -3.04 0.55 -1.79
N LYS A 25 -3.11 1.00 -3.05
CA LYS A 25 -2.68 2.35 -3.42
C LYS A 25 -3.44 3.40 -2.60
N ALA A 26 -4.73 3.17 -2.39
CA ALA A 26 -5.54 4.06 -1.58
C ALA A 26 -5.04 4.09 -0.14
N ARG A 27 -4.73 2.90 0.38
CA ARG A 27 -4.19 2.77 1.74
C ARG A 27 -2.82 3.44 1.82
N ILE A 28 -1.96 3.16 0.85
CA ILE A 28 -0.59 3.67 0.84
C ILE A 28 -0.55 5.20 0.81
N GLU A 29 -1.27 5.81 -0.12
CA GLU A 29 -1.29 7.27 -0.23
C GLU A 29 -1.92 7.89 1.02
N GLN A 30 -2.84 7.16 1.64
CA GLN A 30 -3.44 7.61 2.88
C GLN A 30 -2.41 7.55 4.01
N LEU A 31 -1.60 6.49 4.02
CA LEU A 31 -0.52 6.35 4.99
C LEU A 31 0.52 7.44 4.79
N ALA A 32 0.79 7.76 3.53
CA ALA A 32 1.73 8.83 3.21
C ALA A 32 1.20 10.18 3.66
N ARG A 33 -0.11 10.36 3.53
CA ARG A 33 -0.76 11.56 4.05
C ARG A 33 -0.71 11.59 5.56
N GLN A 34 -0.72 10.42 6.19
CA GLN A 34 -0.55 10.33 7.64
C GLN A 34 0.84 10.81 8.02
N ALA A 35 1.83 10.42 7.23
CA ALA A 35 3.20 10.85 7.43
C ALA A 35 3.37 12.31 6.98
N GLU A 36 2.35 12.81 6.29
CA GLU A 36 2.29 14.20 5.85
C GLU A 36 3.42 14.51 4.86
N GLN A 37 3.70 13.55 3.99
CA GLN A 37 4.73 13.71 2.98
C GLN A 37 4.15 13.35 1.61
N ASP A 38 4.87 13.72 0.55
CA ASP A 38 4.39 13.49 -0.81
C ASP A 38 5.01 12.25 -1.42
N ILE A 39 6.04 11.73 -0.77
CA ILE A 39 6.76 10.58 -1.28
C ILE A 39 6.40 9.34 -0.47
N VAL A 40 5.96 8.30 -1.17
CA VAL A 40 5.65 7.05 -0.50
C VAL A 40 6.87 6.15 -0.48
N THR A 41 7.06 5.45 0.62
CA THR A 41 8.18 4.54 0.74
C THR A 41 7.70 3.10 0.59
N PRO A 42 8.60 2.15 0.28
CA PRO A 42 8.26 0.74 0.20
C PRO A 42 7.73 0.23 1.53
N GLU A 43 8.12 0.90 2.60
CA GLU A 43 7.64 0.63 3.95
C GLU A 43 6.12 0.76 4.01
N LEU A 44 5.61 1.86 3.48
CA LEU A 44 4.17 2.13 3.50
C LEU A 44 3.43 1.16 2.59
N VAL A 45 4.05 0.81 1.47
CA VAL A 45 3.47 -0.16 0.55
C VAL A 45 3.36 -1.52 1.24
N GLU A 46 4.43 -1.91 1.90
CA GLU A 46 4.46 -3.16 2.65
C GLU A 46 3.43 -3.10 3.79
N GLN A 47 3.40 -1.97 4.48
CA GLN A 47 2.43 -1.74 5.56
C GLN A 47 1.01 -1.97 5.07
N ALA A 48 0.68 -1.39 3.92
CA ALA A 48 -0.63 -1.57 3.31
C ALA A 48 -0.90 -3.04 3.01
N ARG A 49 0.15 -3.75 2.59
CA ARG A 49 0.03 -5.16 2.27
C ARG A 49 -0.22 -5.96 3.55
N LEU A 50 0.46 -5.56 4.62
CA LEU A 50 0.29 -6.17 5.92
C LEU A 50 -1.13 -5.95 6.43
N GLU A 51 -1.64 -4.73 6.19
CA GLU A 51 -2.99 -4.37 6.57
C GLU A 51 -4.00 -5.38 6.04
N PHE A 52 -3.94 -5.66 4.74
CA PHE A 52 -4.88 -6.58 4.12
C PHE A 52 -4.54 -8.02 4.48
N GLY A 53 -3.28 -8.25 4.84
CA GLY A 53 -2.86 -9.57 5.27
C GLY A 53 -3.53 -9.98 6.57
N GLN A 54 -3.45 -9.12 7.57
CA GLN A 54 -4.06 -9.41 8.87
C GLN A 54 -5.54 -9.08 8.87
N LEU A 55 -5.98 -8.39 7.84
CA LEU A 55 -7.38 -8.05 7.65
C LEU A 55 -8.24 -9.31 7.51
N GLU A 56 -7.77 -10.23 6.67
CA GLU A 56 -8.51 -11.45 6.41
C GLU A 56 -7.64 -12.69 6.64
N HIS A 57 -6.80 -12.99 5.64
CA HIS A 57 -6.05 -14.22 5.63
C HIS A 57 -4.73 -14.10 6.38
N HIS A 58 -4.83 -14.11 7.70
CA HIS A 58 -3.66 -14.09 8.57
C HIS A 58 -3.48 -15.48 9.16
N HIS A 59 -4.28 -16.40 8.64
CA HIS A 59 -4.28 -17.80 9.07
C HIS A 59 -3.78 -18.68 7.93
N HIS A 60 -2.61 -19.30 8.09
CA HIS A 60 -2.04 -20.12 7.02
C HIS A 60 -2.98 -21.27 6.65
N HIS A 61 -3.39 -21.29 5.39
CA HIS A 61 -4.29 -22.34 4.91
C HIS A 61 -3.48 -23.55 4.45
N HIS A 62 -2.16 -23.42 4.49
CA HIS A 62 -1.26 -24.54 4.25
C HIS A 62 -0.17 -24.52 5.30
N MET A 1 -4.66 10.17 -4.66
CA MET A 1 -3.88 11.44 -4.76
C MET A 1 -2.82 11.34 -5.83
N ASN A 2 -2.25 10.14 -5.98
CA ASN A 2 -1.16 9.88 -6.90
C ASN A 2 0.06 10.70 -6.51
N LEU A 3 0.66 10.31 -5.41
CA LEU A 3 1.82 10.99 -4.85
C LEU A 3 3.09 10.53 -5.56
N ARG A 4 4.24 11.05 -5.16
CA ARG A 4 5.49 10.67 -5.77
C ARG A 4 5.90 9.27 -5.31
N TRP A 5 5.67 8.28 -6.17
CA TRP A 5 6.02 6.91 -5.86
C TRP A 5 7.49 6.66 -6.14
N THR A 6 8.20 6.19 -5.12
CA THR A 6 9.60 5.83 -5.28
C THR A 6 9.71 4.57 -6.13
N SER A 7 10.89 4.34 -6.70
CA SER A 7 11.12 3.18 -7.53
C SER A 7 10.91 1.90 -6.73
N GLU A 8 11.29 1.95 -5.46
CA GLU A 8 11.08 0.84 -4.55
C GLU A 8 9.60 0.66 -4.24
N ALA A 9 8.90 1.76 -4.06
CA ALA A 9 7.47 1.73 -3.76
C ALA A 9 6.70 1.09 -4.91
N LYS A 10 7.00 1.51 -6.13
CA LYS A 10 6.40 0.91 -7.32
C LYS A 10 6.63 -0.60 -7.34
N THR A 11 7.86 -1.01 -7.03
CA THR A 11 8.22 -2.43 -7.03
C THR A 11 7.46 -3.19 -5.93
N LYS A 12 7.36 -2.58 -4.75
CA LYS A 12 6.58 -3.17 -3.65
C LYS A 12 5.11 -3.28 -4.03
N LEU A 13 4.61 -2.27 -4.74
CA LEU A 13 3.22 -2.24 -5.17
C LEU A 13 2.92 -3.37 -6.15
N LYS A 14 3.93 -3.76 -6.92
CA LYS A 14 3.80 -4.83 -7.88
C LYS A 14 3.70 -6.19 -7.19
N ASN A 15 4.02 -6.22 -5.91
CA ASN A 15 3.92 -7.44 -5.12
C ASN A 15 2.49 -7.64 -4.63
N ILE A 16 1.71 -6.57 -4.69
CA ILE A 16 0.31 -6.60 -4.29
C ILE A 16 -0.55 -7.11 -5.44
N PRO A 17 -1.37 -8.14 -5.19
CA PRO A 17 -2.26 -8.74 -6.21
C PRO A 17 -3.15 -7.69 -6.89
N PHE A 18 -3.49 -7.95 -8.15
CA PHE A 18 -4.27 -7.02 -8.96
C PHE A 18 -5.59 -6.67 -8.29
N PHE A 19 -6.21 -7.66 -7.67
CA PHE A 19 -7.50 -7.50 -7.02
C PHE A 19 -7.45 -6.42 -5.93
N ALA A 20 -6.27 -6.23 -5.35
CA ALA A 20 -6.11 -5.25 -4.27
C ALA A 20 -5.14 -4.14 -4.68
N ARG A 21 -4.77 -4.12 -5.95
CA ARG A 21 -3.78 -3.15 -6.46
C ARG A 21 -4.24 -1.71 -6.24
N SER A 22 -5.44 -1.40 -6.70
CA SER A 22 -5.97 -0.04 -6.56
C SER A 22 -6.41 0.22 -5.12
N GLN A 23 -6.82 -0.84 -4.43
CA GLN A 23 -7.28 -0.71 -3.05
C GLN A 23 -6.13 -0.34 -2.13
N ALA A 24 -5.04 -1.10 -2.23
CA ALA A 24 -3.86 -0.85 -1.42
C ALA A 24 -3.27 0.52 -1.75
N LYS A 25 -3.25 0.86 -3.04
CA LYS A 25 -2.72 2.14 -3.50
C LYS A 25 -3.40 3.30 -2.78
N ALA A 26 -4.73 3.22 -2.67
CA ALA A 26 -5.50 4.24 -1.99
C ALA A 26 -5.07 4.36 -0.53
N ARG A 27 -4.88 3.23 0.13
CA ARG A 27 -4.47 3.24 1.53
C ARG A 27 -3.03 3.73 1.68
N ILE A 28 -2.16 3.33 0.76
CA ILE A 28 -0.76 3.75 0.79
C ILE A 28 -0.63 5.27 0.74
N GLU A 29 -1.35 5.89 -0.18
CA GLU A 29 -1.31 7.34 -0.34
C GLU A 29 -2.01 8.03 0.82
N GLN A 30 -2.90 7.32 1.49
CA GLN A 30 -3.52 7.80 2.71
C GLN A 30 -2.48 7.79 3.83
N LEU A 31 -1.80 6.65 3.98
CA LEU A 31 -0.75 6.49 4.97
C LEU A 31 0.34 7.53 4.79
N ALA A 32 0.69 7.81 3.54
CA ALA A 32 1.69 8.82 3.22
C ALA A 32 1.26 10.19 3.74
N ARG A 33 -0.01 10.53 3.50
CA ARG A 33 -0.56 11.79 3.99
C ARG A 33 -0.60 11.80 5.52
N GLN A 34 -0.88 10.64 6.09
CA GLN A 34 -0.88 10.49 7.54
C GLN A 34 0.53 10.69 8.10
N ALA A 35 1.53 10.26 7.35
CA ALA A 35 2.93 10.43 7.73
C ALA A 35 3.45 11.78 7.24
N GLU A 36 2.59 12.51 6.54
CA GLU A 36 2.91 13.85 6.05
C GLU A 36 4.06 13.82 5.05
N GLN A 37 4.10 12.77 4.22
CA GLN A 37 5.10 12.66 3.18
C GLN A 37 4.43 12.63 1.81
N ASP A 38 5.03 13.32 0.85
CA ASP A 38 4.51 13.37 -0.51
C ASP A 38 5.15 12.27 -1.33
N ILE A 39 6.20 11.70 -0.76
CA ILE A 39 6.95 10.65 -1.39
C ILE A 39 6.71 9.34 -0.63
N VAL A 40 6.00 8.42 -1.26
CA VAL A 40 5.65 7.17 -0.59
C VAL A 40 6.85 6.24 -0.57
N THR A 41 7.17 5.76 0.60
CA THR A 41 8.28 4.86 0.78
C THR A 41 7.81 3.42 0.61
N PRO A 42 8.71 2.51 0.21
CA PRO A 42 8.39 1.08 0.04
C PRO A 42 7.87 0.47 1.35
N GLU A 43 8.25 1.10 2.46
CA GLU A 43 7.82 0.67 3.78
C GLU A 43 6.30 0.76 3.89
N LEU A 44 5.76 1.91 3.50
CA LEU A 44 4.33 2.16 3.56
C LEU A 44 3.58 1.29 2.58
N VAL A 45 4.17 1.07 1.42
CA VAL A 45 3.55 0.22 0.40
C VAL A 45 3.42 -1.22 0.91
N GLU A 46 4.50 -1.74 1.50
CA GLU A 46 4.50 -3.08 2.04
C GLU A 46 3.60 -3.15 3.27
N GLN A 47 3.64 -2.09 4.07
CA GLN A 47 2.82 -2.00 5.27
C GLN A 47 1.34 -2.21 4.91
N ALA A 48 0.89 -1.51 3.87
CA ALA A 48 -0.49 -1.63 3.43
C ALA A 48 -0.79 -3.03 2.91
N ARG A 49 0.23 -3.69 2.36
CA ARG A 49 0.08 -5.07 1.91
C ARG A 49 -0.14 -5.97 3.12
N LEU A 50 0.44 -5.59 4.24
CA LEU A 50 0.28 -6.34 5.48
C LEU A 50 -1.02 -5.98 6.18
N GLU A 51 -1.53 -4.78 5.93
CA GLU A 51 -2.86 -4.41 6.41
C GLU A 51 -3.88 -5.41 5.89
N PHE A 52 -3.86 -5.64 4.59
CA PHE A 52 -4.78 -6.57 3.97
C PHE A 52 -4.27 -8.00 4.14
N GLY A 53 -2.98 -8.11 4.41
CA GLY A 53 -2.36 -9.40 4.62
C GLY A 53 -2.69 -9.99 5.98
N GLN A 54 -2.98 -9.13 6.95
CA GLN A 54 -3.40 -9.58 8.26
C GLN A 54 -4.90 -9.77 8.32
N LEU A 55 -5.63 -8.94 7.58
CA LEU A 55 -7.08 -9.11 7.47
C LEU A 55 -7.41 -10.35 6.65
N GLU A 56 -6.53 -10.64 5.69
CA GLU A 56 -6.62 -11.83 4.84
C GLU A 56 -7.94 -11.89 4.10
N HIS A 57 -8.03 -11.15 3.01
CA HIS A 57 -9.24 -11.10 2.21
C HIS A 57 -9.20 -12.21 1.15
N HIS A 58 -9.02 -13.44 1.61
CA HIS A 58 -8.92 -14.59 0.72
C HIS A 58 -10.29 -14.96 0.16
N HIS A 59 -10.30 -15.70 -0.95
CA HIS A 59 -11.55 -16.02 -1.63
C HIS A 59 -11.56 -17.47 -2.11
N HIS A 60 -12.63 -17.85 -2.80
CA HIS A 60 -12.89 -19.25 -3.13
C HIS A 60 -11.85 -19.82 -4.10
N HIS A 61 -11.07 -20.78 -3.59
CA HIS A 61 -10.11 -21.54 -4.40
C HIS A 61 -9.15 -20.64 -5.17
N HIS A 62 -8.20 -20.05 -4.46
CA HIS A 62 -7.15 -19.26 -5.08
C HIS A 62 -6.23 -18.69 -4.00
N MET A 1 -4.27 13.87 -5.36
CA MET A 1 -4.21 12.40 -5.31
C MET A 1 -3.08 11.91 -6.20
N ASN A 2 -2.70 10.64 -6.06
CA ASN A 2 -1.58 10.07 -6.80
C ASN A 2 -0.27 10.73 -6.39
N LEU A 3 0.30 10.25 -5.31
CA LEU A 3 1.53 10.81 -4.77
C LEU A 3 2.73 10.32 -5.55
N ARG A 4 3.91 10.76 -5.16
CA ARG A 4 5.14 10.37 -5.84
C ARG A 4 5.64 9.05 -5.29
N TRP A 5 5.79 8.07 -6.16
CA TRP A 5 6.23 6.75 -5.78
C TRP A 5 7.72 6.59 -6.00
N THR A 6 8.43 6.17 -4.96
CA THR A 6 9.82 5.81 -5.10
C THR A 6 9.96 4.57 -5.96
N SER A 7 11.13 4.36 -6.55
CA SER A 7 11.37 3.20 -7.40
C SER A 7 11.08 1.90 -6.66
N GLU A 8 11.47 1.86 -5.39
CA GLU A 8 11.26 0.70 -4.54
C GLU A 8 9.78 0.50 -4.28
N ALA A 9 9.08 1.60 -4.03
CA ALA A 9 7.64 1.57 -3.78
C ALA A 9 6.90 1.03 -5.00
N LYS A 10 7.34 1.43 -6.18
CA LYS A 10 6.72 0.95 -7.42
C LYS A 10 6.90 -0.55 -7.55
N THR A 11 8.09 -1.03 -7.22
CA THR A 11 8.38 -2.45 -7.26
C THR A 11 7.51 -3.21 -6.24
N LYS A 12 7.44 -2.66 -5.02
CA LYS A 12 6.63 -3.24 -3.95
C LYS A 12 5.15 -3.24 -4.30
N LEU A 13 4.71 -2.20 -5.01
CA LEU A 13 3.33 -2.12 -5.45
C LEU A 13 3.03 -3.25 -6.44
N LYS A 14 4.04 -3.63 -7.21
CA LYS A 14 3.93 -4.70 -8.18
C LYS A 14 3.89 -6.07 -7.49
N ASN A 15 4.15 -6.09 -6.19
CA ASN A 15 4.06 -7.32 -5.41
C ASN A 15 2.60 -7.61 -5.07
N ILE A 16 1.79 -6.56 -5.07
CA ILE A 16 0.39 -6.68 -4.65
C ILE A 16 -0.48 -7.16 -5.81
N PRO A 17 -1.28 -8.22 -5.56
CA PRO A 17 -2.23 -8.75 -6.55
C PRO A 17 -3.15 -7.65 -7.10
N PHE A 18 -3.46 -7.72 -8.39
CA PHE A 18 -4.24 -6.68 -9.05
C PHE A 18 -5.59 -6.46 -8.37
N PHE A 19 -6.10 -7.51 -7.74
CA PHE A 19 -7.39 -7.45 -7.06
C PHE A 19 -7.36 -6.48 -5.89
N ALA A 20 -6.21 -6.36 -5.24
CA ALA A 20 -6.09 -5.56 -4.04
C ALA A 20 -5.12 -4.40 -4.22
N ARG A 21 -4.44 -4.34 -5.35
CA ARG A 21 -3.38 -3.36 -5.55
C ARG A 21 -3.93 -1.92 -5.54
N SER A 22 -5.05 -1.70 -6.21
CA SER A 22 -5.62 -0.36 -6.28
C SER A 22 -6.19 0.04 -4.93
N GLN A 23 -6.77 -0.91 -4.23
CA GLN A 23 -7.34 -0.68 -2.92
C GLN A 23 -6.22 -0.43 -1.90
N ALA A 24 -5.13 -1.18 -2.04
CA ALA A 24 -3.96 -0.99 -1.20
C ALA A 24 -3.30 0.35 -1.50
N LYS A 25 -3.26 0.71 -2.78
CA LYS A 25 -2.70 1.98 -3.21
C LYS A 25 -3.41 3.15 -2.52
N ALA A 26 -4.74 3.08 -2.46
CA ALA A 26 -5.53 4.09 -1.77
C ALA A 26 -5.12 4.16 -0.30
N ARG A 27 -4.87 3.00 0.29
CA ARG A 27 -4.41 2.91 1.67
C ARG A 27 -3.02 3.54 1.81
N ILE A 28 -2.14 3.22 0.86
CA ILE A 28 -0.77 3.75 0.86
C ILE A 28 -0.77 5.28 0.78
N GLU A 29 -1.55 5.82 -0.15
CA GLU A 29 -1.65 7.27 -0.31
C GLU A 29 -2.10 7.92 0.99
N GLN A 30 -3.04 7.27 1.68
CA GLN A 30 -3.54 7.79 2.94
C GLN A 30 -2.48 7.71 4.03
N LEU A 31 -1.73 6.62 4.04
CA LEU A 31 -0.65 6.42 5.00
C LEU A 31 0.42 7.48 4.84
N ALA A 32 0.71 7.83 3.59
CA ALA A 32 1.72 8.84 3.28
C ALA A 32 1.29 10.21 3.79
N ARG A 33 -0.01 10.48 3.72
CA ARG A 33 -0.55 11.74 4.23
C ARG A 33 -0.44 11.79 5.75
N GLN A 34 -0.48 10.61 6.38
CA GLN A 34 -0.31 10.51 7.83
C GLN A 34 1.16 10.68 8.19
N ALA A 35 2.03 10.27 7.28
CA ALA A 35 3.46 10.52 7.42
C ALA A 35 3.76 11.97 7.03
N GLU A 36 2.74 12.62 6.47
CA GLU A 36 2.79 14.04 6.13
C GLU A 36 3.83 14.29 5.06
N GLN A 37 3.81 13.48 4.02
CA GLN A 37 4.69 13.65 2.88
C GLN A 37 4.01 13.16 1.60
N ASP A 38 4.54 13.56 0.45
CA ASP A 38 3.97 13.15 -0.83
C ASP A 38 4.79 12.03 -1.43
N ILE A 39 5.83 11.63 -0.72
CA ILE A 39 6.70 10.56 -1.16
C ILE A 39 6.33 9.28 -0.43
N VAL A 40 6.02 8.23 -1.16
CA VAL A 40 5.75 6.95 -0.54
C VAL A 40 6.99 6.07 -0.59
N THR A 41 7.34 5.49 0.53
CA THR A 41 8.45 4.56 0.60
C THR A 41 7.93 3.14 0.47
N PRO A 42 8.81 2.17 0.14
CA PRO A 42 8.42 0.76 0.03
C PRO A 42 7.82 0.25 1.34
N GLU A 43 8.20 0.91 2.43
CA GLU A 43 7.67 0.61 3.75
C GLU A 43 6.16 0.78 3.77
N LEU A 44 5.70 1.97 3.40
CA LEU A 44 4.27 2.29 3.43
C LEU A 44 3.48 1.39 2.48
N VAL A 45 4.07 1.10 1.34
CA VAL A 45 3.45 0.22 0.35
C VAL A 45 3.25 -1.17 0.94
N GLU A 46 4.28 -1.70 1.56
CA GLU A 46 4.22 -3.02 2.14
C GLU A 46 3.35 -3.02 3.40
N GLN A 47 3.45 -1.95 4.19
CA GLN A 47 2.62 -1.81 5.37
C GLN A 47 1.15 -1.92 5.03
N ALA A 48 0.77 -1.28 3.93
CA ALA A 48 -0.62 -1.34 3.45
C ALA A 48 -0.93 -2.74 2.94
N ARG A 49 0.07 -3.40 2.37
CA ARG A 49 -0.11 -4.77 1.90
C ARG A 49 -0.33 -5.69 3.09
N LEU A 50 0.33 -5.37 4.19
CA LEU A 50 0.16 -6.12 5.42
C LEU A 50 -1.17 -5.81 6.08
N GLU A 51 -1.69 -4.60 5.86
CA GLU A 51 -3.04 -4.26 6.30
C GLU A 51 -4.02 -5.28 5.75
N PHE A 52 -3.95 -5.48 4.44
CA PHE A 52 -4.85 -6.40 3.76
C PHE A 52 -4.37 -7.82 3.92
N GLY A 53 -3.09 -7.98 4.27
CA GLY A 53 -2.55 -9.29 4.55
C GLY A 53 -3.02 -9.81 5.89
N GLN A 54 -3.21 -8.90 6.84
CA GLN A 54 -3.80 -9.25 8.13
C GLN A 54 -5.28 -9.48 7.97
N LEU A 55 -5.86 -8.82 6.96
CA LEU A 55 -7.26 -8.99 6.67
C LEU A 55 -7.49 -10.17 5.73
N GLU A 56 -7.56 -9.89 4.42
CA GLU A 56 -7.98 -10.88 3.41
C GLU A 56 -9.38 -11.42 3.73
N HIS A 57 -10.04 -10.75 4.67
CA HIS A 57 -11.38 -11.12 5.11
C HIS A 57 -12.12 -9.83 5.42
N HIS A 58 -13.43 -9.86 5.42
CA HIS A 58 -14.21 -8.67 5.77
C HIS A 58 -14.04 -8.37 7.26
N HIS A 59 -13.87 -7.09 7.58
CA HIS A 59 -13.62 -6.67 8.96
C HIS A 59 -14.76 -7.10 9.87
N HIS A 60 -15.98 -6.76 9.49
CA HIS A 60 -17.18 -7.16 10.23
C HIS A 60 -18.37 -7.18 9.28
N HIS A 61 -19.56 -7.33 9.83
CA HIS A 61 -20.78 -7.13 9.04
C HIS A 61 -21.43 -5.83 9.48
N HIS A 62 -21.77 -5.00 8.51
CA HIS A 62 -22.34 -3.70 8.83
C HIS A 62 -23.72 -3.55 8.19
N MET A 1 -3.53 14.21 -5.98
CA MET A 1 -4.20 12.92 -6.29
C MET A 1 -3.20 11.78 -6.09
N ASN A 2 -2.33 11.58 -7.07
CA ASN A 2 -1.29 10.58 -6.96
C ASN A 2 -0.07 11.18 -6.28
N LEU A 3 0.45 10.49 -5.30
CA LEU A 3 1.63 10.96 -4.58
C LEU A 3 2.90 10.53 -5.30
N ARG A 4 4.04 10.89 -4.74
CA ARG A 4 5.32 10.57 -5.37
C ARG A 4 5.79 9.20 -4.94
N TRP A 5 5.75 8.27 -5.87
CA TRP A 5 6.12 6.90 -5.61
C TRP A 5 7.59 6.67 -5.92
N THR A 6 8.31 6.11 -4.96
CA THR A 6 9.68 5.73 -5.18
C THR A 6 9.72 4.49 -6.07
N SER A 7 10.82 4.30 -6.80
CA SER A 7 10.94 3.15 -7.69
C SER A 7 10.84 1.86 -6.88
N GLU A 8 11.32 1.91 -5.65
CA GLU A 8 11.22 0.79 -4.73
C GLU A 8 9.76 0.53 -4.36
N ALA A 9 9.04 1.61 -4.07
CA ALA A 9 7.62 1.52 -3.72
C ALA A 9 6.81 0.98 -4.89
N LYS A 10 7.08 1.50 -6.09
CA LYS A 10 6.40 1.05 -7.29
C LYS A 10 6.57 -0.45 -7.50
N THR A 11 7.78 -0.96 -7.22
CA THR A 11 8.05 -2.37 -7.34
C THR A 11 7.27 -3.17 -6.29
N LYS A 12 7.27 -2.66 -5.06
CA LYS A 12 6.50 -3.27 -3.98
C LYS A 12 5.02 -3.35 -4.35
N LEU A 13 4.53 -2.30 -5.00
CA LEU A 13 3.14 -2.23 -5.43
C LEU A 13 2.82 -3.30 -6.47
N LYS A 14 3.81 -3.61 -7.30
CA LYS A 14 3.65 -4.63 -8.34
C LYS A 14 3.61 -6.03 -7.71
N ASN A 15 4.05 -6.13 -6.48
CA ASN A 15 4.02 -7.39 -5.75
C ASN A 15 2.64 -7.62 -5.14
N ILE A 16 1.83 -6.57 -5.12
CA ILE A 16 0.48 -6.66 -4.60
C ILE A 16 -0.48 -7.17 -5.67
N PRO A 17 -1.35 -8.15 -5.33
CA PRO A 17 -2.33 -8.73 -6.26
C PRO A 17 -3.13 -7.68 -7.01
N PHE A 18 -3.35 -7.93 -8.30
CA PHE A 18 -4.02 -6.98 -9.19
C PHE A 18 -5.32 -6.41 -8.60
N PHE A 19 -6.09 -7.25 -7.93
CA PHE A 19 -7.37 -6.84 -7.38
C PHE A 19 -7.18 -5.93 -6.16
N ALA A 20 -6.29 -6.33 -5.27
CA ALA A 20 -6.08 -5.59 -4.03
C ALA A 20 -5.12 -4.42 -4.24
N ARG A 21 -4.47 -4.40 -5.39
CA ARG A 21 -3.48 -3.37 -5.71
C ARG A 21 -4.09 -1.98 -5.73
N SER A 22 -5.31 -1.87 -6.22
CA SER A 22 -6.00 -0.59 -6.27
C SER A 22 -6.40 -0.16 -4.86
N GLN A 23 -6.83 -1.12 -4.05
CA GLN A 23 -7.24 -0.86 -2.68
C GLN A 23 -6.03 -0.52 -1.82
N ALA A 24 -4.94 -1.25 -2.04
CA ALA A 24 -3.70 -1.01 -1.32
C ALA A 24 -3.16 0.38 -1.64
N LYS A 25 -3.11 0.71 -2.92
CA LYS A 25 -2.63 2.01 -3.38
C LYS A 25 -3.36 3.13 -2.65
N ALA A 26 -4.67 2.97 -2.51
CA ALA A 26 -5.49 3.95 -1.81
C ALA A 26 -4.99 4.17 -0.38
N ARG A 27 -4.74 3.08 0.33
CA ARG A 27 -4.28 3.19 1.71
C ARG A 27 -2.82 3.66 1.76
N ILE A 28 -2.00 3.23 0.81
CA ILE A 28 -0.59 3.60 0.78
C ILE A 28 -0.42 5.11 0.69
N GLU A 29 -1.12 5.73 -0.25
CA GLU A 29 -1.04 7.17 -0.42
C GLU A 29 -1.72 7.89 0.74
N GLN A 30 -2.69 7.21 1.36
CA GLN A 30 -3.34 7.74 2.55
C GLN A 30 -2.35 7.74 3.72
N LEU A 31 -1.57 6.67 3.84
CA LEU A 31 -0.57 6.54 4.87
C LEU A 31 0.47 7.65 4.77
N ALA A 32 0.87 7.96 3.54
CA ALA A 32 1.85 9.01 3.30
C ALA A 32 1.30 10.37 3.70
N ARG A 33 0.02 10.59 3.49
CA ARG A 33 -0.61 11.84 3.91
C ARG A 33 -0.80 11.85 5.43
N GLN A 34 -0.91 10.66 6.01
CA GLN A 34 -0.97 10.51 7.46
C GLN A 34 0.40 10.87 8.06
N ALA A 35 1.45 10.61 7.28
CA ALA A 35 2.80 11.02 7.65
C ALA A 35 3.07 12.45 7.20
N GLU A 36 2.15 12.97 6.37
CA GLU A 36 2.20 14.33 5.85
C GLU A 36 3.42 14.55 4.97
N GLN A 37 3.68 13.60 4.09
CA GLN A 37 4.75 13.71 3.12
C GLN A 37 4.24 13.34 1.73
N ASP A 38 4.95 13.77 0.70
CA ASP A 38 4.51 13.52 -0.68
C ASP A 38 5.07 12.23 -1.21
N ILE A 39 6.07 11.70 -0.53
CA ILE A 39 6.79 10.53 -0.99
C ILE A 39 6.33 9.29 -0.25
N VAL A 40 6.05 8.22 -0.99
CA VAL A 40 5.74 6.96 -0.38
C VAL A 40 6.96 6.05 -0.44
N THR A 41 7.32 5.47 0.68
CA THR A 41 8.45 4.57 0.74
C THR A 41 7.96 3.13 0.58
N PRO A 42 8.85 2.21 0.17
CA PRO A 42 8.51 0.79 0.04
C PRO A 42 7.98 0.22 1.36
N GLU A 43 8.36 0.88 2.47
CA GLU A 43 7.87 0.51 3.79
C GLU A 43 6.35 0.56 3.82
N LEU A 44 5.82 1.72 3.46
CA LEU A 44 4.38 1.97 3.52
C LEU A 44 3.62 1.07 2.55
N VAL A 45 4.19 0.87 1.37
CA VAL A 45 3.56 0.01 0.37
C VAL A 45 3.42 -1.41 0.90
N GLU A 46 4.50 -1.94 1.45
CA GLU A 46 4.49 -3.28 1.99
C GLU A 46 3.64 -3.34 3.25
N GLN A 47 3.77 -2.31 4.10
CA GLN A 47 2.98 -2.20 5.32
C GLN A 47 1.49 -2.30 5.00
N ALA A 48 1.06 -1.53 4.01
CA ALA A 48 -0.34 -1.57 3.58
C ALA A 48 -0.71 -2.95 3.07
N ARG A 49 0.24 -3.60 2.41
CA ARG A 49 0.02 -4.95 1.88
C ARG A 49 -0.15 -5.92 3.05
N LEU A 50 0.59 -5.68 4.11
CA LEU A 50 0.52 -6.48 5.32
C LEU A 50 -0.80 -6.21 6.05
N GLU A 51 -1.17 -4.93 6.11
CA GLU A 51 -2.43 -4.52 6.72
C GLU A 51 -3.60 -5.30 6.13
N PHE A 52 -3.68 -5.32 4.80
CA PHE A 52 -4.78 -6.02 4.12
C PHE A 52 -4.61 -7.52 4.25
N GLY A 53 -3.37 -7.97 4.41
CA GLY A 53 -3.11 -9.39 4.65
C GLY A 53 -3.62 -9.83 6.01
N GLN A 54 -3.83 -8.86 6.89
CA GLN A 54 -4.38 -9.12 8.22
C GLN A 54 -5.88 -8.83 8.25
N LEU A 55 -6.31 -7.93 7.38
CA LEU A 55 -7.71 -7.54 7.29
C LEU A 55 -8.54 -8.60 6.59
N GLU A 56 -7.98 -9.17 5.53
CA GLU A 56 -8.67 -10.20 4.78
C GLU A 56 -8.57 -11.53 5.51
N HIS A 57 -9.51 -12.41 5.25
CA HIS A 57 -9.44 -13.77 5.76
C HIS A 57 -8.26 -14.46 5.08
N HIS A 58 -7.58 -15.33 5.81
CA HIS A 58 -6.40 -15.99 5.27
C HIS A 58 -6.79 -16.91 4.12
N HIS A 59 -6.39 -16.52 2.92
CA HIS A 59 -6.88 -17.16 1.70
C HIS A 59 -6.06 -18.38 1.34
N HIS A 60 -6.71 -19.54 1.32
CA HIS A 60 -6.16 -20.75 0.70
C HIS A 60 -4.97 -21.33 1.48
N HIS A 61 -4.68 -22.60 1.21
CA HIS A 61 -3.47 -23.26 1.69
C HIS A 61 -2.25 -22.39 1.39
N HIS A 62 -1.46 -22.15 2.42
CA HIS A 62 -0.31 -21.27 2.31
C HIS A 62 0.88 -21.89 3.02
#